data_4ZNR
#
_entry.id   4ZNR
#
_cell.length_a   57.166
_cell.length_b   95.206
_cell.length_c   146.112
_cell.angle_alpha   90.00
_cell.angle_beta   90.00
_cell.angle_gamma   90.00
#
_symmetry.space_group_name_H-M   'P 21 21 21'
#
loop_
_entity.id
_entity.type
_entity.pdbx_description
1 polymer 'Natterin-like protein'
2 branched alpha-D-mannopyranose-(1-3)-alpha-D-mannopyranose
3 non-polymer 'CHLORIDE ION'
4 non-polymer DI(HYDROXYETHYL)ETHER
5 non-polymer 'TRIETHYLENE GLYCOL'
6 non-polymer 'TETRAETHYLENE GLYCOL'
7 non-polymer 1,2-ETHANEDIOL
8 non-polymer '4-(2-HYDROXYETHYL)-1-PIPERAZINE ETHANESULFONIC ACID'
9 non-polymer 'PENTAETHYLENE GLYCOL'
10 water water
#
_entity_poly.entity_id   1
_entity_poly.type   'polypeptide(L)'
_entity_poly.pdbx_seq_one_letter_code
;MGSSHHHHHHSSGLVPRGSHMTYPTNLEIIGGQGGSSFSFTGENNGASLEKIWVWVGGWQIKAVRAWLSDGRDETFGVPS
GSHQEYVFTPGECFTSLSLWGNGAGTRLGAIKFKTNKGGEFFAHMTSWGLKTEYPMDVGSGYCLGIVGRGGSDIDCMGFM
FLNAVQSTVLTNVNYPTINQLIPKVATEEIKSVSFENKTSVKQEQKVETSKKVIKTSSWSMTKSFSSTFSVEVSAGIPEI
AEVSTGFSISFGVESTHSLEQTDEKNETLTTTVEVPPKKKVDVHITIGRASFDLPYTGTVKITCKNGSVLQYETKGQYKG
VAYTDIKVNTVEKDL
;
_entity_poly.pdbx_strand_id   A,B
#
loop_
_chem_comp.id
_chem_comp.type
_chem_comp.name
_chem_comp.formula
1PE non-polymer 'PENTAETHYLENE GLYCOL' 'C10 H22 O6'
CL non-polymer 'CHLORIDE ION' 'Cl -1'
EDO non-polymer 1,2-ETHANEDIOL 'C2 H6 O2'
EPE non-polymer '4-(2-HYDROXYETHYL)-1-PIPERAZINE ETHANESULFONIC ACID' 'C8 H18 N2 O4 S'
MAN D-saccharide, alpha linking alpha-D-mannopyranose 'C6 H12 O6'
PEG non-polymer DI(HYDROXYETHYL)ETHER 'C4 H10 O3'
PG4 non-polymer 'TETRAETHYLENE GLYCOL' 'C8 H18 O5'
PGE non-polymer 'TRIETHYLENE GLYCOL' 'C6 H14 O4'
#
# COMPACT_ATOMS: atom_id res chain seq x y z
N GLY A 18 -21.93 -23.42 37.49
CA GLY A 18 -22.35 -23.22 36.08
C GLY A 18 -21.35 -22.38 35.28
N SER A 19 -20.07 -22.68 35.46
CA SER A 19 -19.00 -22.01 34.71
C SER A 19 -19.07 -22.40 33.24
N HIS A 20 -18.54 -21.53 32.39
CA HIS A 20 -18.72 -21.68 30.96
C HIS A 20 -17.38 -21.61 30.24
N MET A 21 -17.07 -22.66 29.51
CA MET A 21 -15.79 -22.74 28.80
C MET A 21 -16.02 -22.45 27.33
N THR A 22 -15.22 -21.53 26.77
CA THR A 22 -15.25 -21.29 25.34
C THR A 22 -13.93 -21.73 24.72
N TYR A 23 -13.98 -21.97 23.41
CA TYR A 23 -12.87 -22.53 22.67
C TYR A 23 -12.63 -21.69 21.43
N PRO A 24 -11.40 -21.75 20.88
CA PRO A 24 -11.10 -20.99 19.68
C PRO A 24 -11.70 -21.64 18.44
N THR A 25 -12.11 -22.91 18.57
CA THR A 25 -12.68 -23.65 17.47
C THR A 25 -14.13 -24.10 17.74
N ASN A 26 -14.88 -24.25 16.65
CA ASN A 26 -16.29 -24.64 16.68
C ASN A 26 -16.43 -25.93 15.89
N LEU A 27 -16.95 -26.97 16.53
CA LEU A 27 -17.02 -28.30 15.95
C LEU A 27 -18.29 -29.03 16.41
N GLU A 28 -19.14 -29.42 15.46
CA GLU A 28 -20.37 -30.16 15.76
C GLU A 28 -20.37 -31.43 14.91
N ILE A 29 -20.23 -32.57 15.57
CA ILE A 29 -20.10 -33.84 14.87
C ILE A 29 -21.46 -34.50 14.77
N ILE A 30 -21.77 -34.99 13.57
CA ILE A 30 -23.07 -35.61 13.29
C ILE A 30 -22.84 -37.02 12.77
N GLY A 31 -23.61 -37.97 13.30
CA GLY A 31 -23.55 -39.37 12.87
C GLY A 31 -23.71 -40.35 14.01
N GLY A 32 -23.19 -41.56 13.82
CA GLY A 32 -23.24 -42.61 14.83
C GLY A 32 -21.98 -42.74 15.68
N GLN A 33 -21.88 -43.85 16.41
CA GLN A 33 -20.84 -44.05 17.41
C GLN A 33 -19.78 -45.07 17.01
N GLY A 34 -19.95 -45.71 15.85
CA GLY A 34 -19.02 -46.72 15.39
C GLY A 34 -17.73 -46.19 14.79
N GLY A 35 -16.93 -47.09 14.23
CA GLY A 35 -15.67 -46.74 13.58
C GLY A 35 -14.58 -46.34 14.56
N SER A 36 -13.47 -45.85 14.00
CA SER A 36 -12.32 -45.39 14.77
C SER A 36 -12.15 -43.87 14.62
N SER A 37 -11.73 -43.22 15.71
CA SER A 37 -11.60 -41.77 15.74
C SER A 37 -10.54 -41.21 14.78
N PHE A 38 -10.83 -40.06 14.18
CA PHE A 38 -9.85 -39.31 13.41
C PHE A 38 -9.97 -37.81 13.64
N SER A 39 -8.84 -37.13 13.55
CA SER A 39 -8.78 -35.68 13.67
C SER A 39 -7.81 -35.19 12.62
N PHE A 40 -8.32 -34.42 11.67
CA PHE A 40 -7.51 -33.91 10.56
C PHE A 40 -7.73 -32.42 10.44
N THR A 41 -6.95 -31.66 11.23
CA THR A 41 -7.15 -30.22 11.37
C THR A 41 -5.85 -29.43 11.42
N GLY A 42 -5.96 -28.13 11.14
CA GLY A 42 -4.82 -27.21 11.21
C GLY A 42 -4.82 -26.39 12.48
N GLU A 43 -5.40 -26.92 13.55
CA GLU A 43 -5.35 -26.23 14.84
C GLU A 43 -3.92 -26.18 15.40
N ASN A 44 -3.02 -27.03 14.90
CA ASN A 44 -1.58 -26.96 15.24
C ASN A 44 -0.82 -25.79 14.62
N ASN A 45 -1.17 -25.44 13.39
CA ASN A 45 -0.39 -24.49 12.58
C ASN A 45 -1.21 -23.52 11.71
N GLY A 46 -2.50 -23.37 11.99
CA GLY A 46 -3.36 -22.47 11.22
C GLY A 46 -3.72 -22.89 9.80
N ALA A 47 -3.41 -24.13 9.42
CA ALA A 47 -3.73 -24.60 8.08
C ALA A 47 -5.24 -24.76 7.93
N SER A 48 -5.74 -24.58 6.70
CA SER A 48 -7.16 -24.65 6.45
C SER A 48 -7.47 -25.76 5.46
N LEU A 49 -8.74 -26.13 5.39
CA LEU A 49 -9.20 -27.12 4.41
C LEU A 49 -9.12 -26.54 3.00
N GLU A 50 -8.28 -27.13 2.15
CA GLU A 50 -8.09 -26.64 0.77
C GLU A 50 -8.89 -27.41 -0.28
N LYS A 51 -9.10 -28.70 -0.05
CA LYS A 51 -9.84 -29.53 -1.00
C LYS A 51 -10.48 -30.70 -0.27
N ILE A 52 -11.65 -31.13 -0.76
CA ILE A 52 -12.37 -32.24 -0.16
C ILE A 52 -13.01 -33.07 -1.27
N TRP A 53 -12.82 -34.39 -1.17
CA TRP A 53 -13.47 -35.36 -2.05
C TRP A 53 -14.43 -36.17 -1.18
N VAL A 54 -15.65 -36.39 -1.68
CA VAL A 54 -16.67 -37.11 -0.93
C VAL A 54 -17.24 -38.22 -1.78
N TRP A 55 -17.20 -39.44 -1.24
CA TRP A 55 -17.80 -40.62 -1.85
C TRP A 55 -19.06 -40.95 -1.07
N VAL A 56 -20.18 -41.05 -1.77
CA VAL A 56 -21.45 -41.34 -1.14
C VAL A 56 -21.82 -42.80 -1.38
N GLY A 57 -22.68 -43.34 -0.52
CA GLY A 57 -23.26 -44.69 -0.72
C GLY A 57 -24.76 -44.55 -0.65
N GLY A 58 -25.46 -45.68 -0.57
CA GLY A 58 -26.92 -45.67 -0.53
C GLY A 58 -27.48 -45.12 0.77
N TRP A 59 -26.82 -45.43 1.88
CA TRP A 59 -27.34 -45.13 3.20
C TRP A 59 -26.28 -44.52 4.12
N GLN A 60 -25.24 -43.94 3.50
CA GLN A 60 -24.18 -43.29 4.25
C GLN A 60 -23.34 -42.42 3.35
N ILE A 61 -22.53 -41.57 3.98
CA ILE A 61 -21.34 -41.05 3.33
C ILE A 61 -20.32 -42.17 3.48
N LYS A 62 -19.76 -42.59 2.35
CA LYS A 62 -18.87 -43.73 2.28
C LYS A 62 -17.43 -43.39 2.72
N ALA A 63 -16.93 -42.25 2.24
CA ALA A 63 -15.57 -41.82 2.59
C ALA A 63 -15.37 -40.34 2.27
N VAL A 64 -14.35 -39.77 2.91
CA VAL A 64 -13.92 -38.40 2.64
C VAL A 64 -12.39 -38.40 2.53
N ARG A 65 -11.87 -37.73 1.50
CA ARG A 65 -10.45 -37.42 1.38
C ARG A 65 -10.31 -35.92 1.48
N ALA A 66 -9.42 -35.46 2.35
CA ALA A 66 -9.25 -34.04 2.63
C ALA A 66 -7.79 -33.63 2.48
N TRP A 67 -7.61 -32.39 2.00
CA TRP A 67 -6.31 -31.76 1.86
C TRP A 67 -6.32 -30.47 2.65
N LEU A 68 -5.29 -30.26 3.47
CA LEU A 68 -5.13 -29.02 4.21
C LEU A 68 -4.12 -28.13 3.50
N SER A 69 -4.18 -26.83 3.78
CA SER A 69 -3.35 -25.86 3.06
C SER A 69 -1.83 -26.08 3.24
N ASP A 70 -1.42 -26.82 4.27
CA ASP A 70 0.00 -27.15 4.49
C ASP A 70 0.47 -28.41 3.74
N GLY A 71 -0.38 -28.99 2.90
CA GLY A 71 0.01 -30.15 2.11
C GLY A 71 -0.40 -31.51 2.69
N ARG A 72 -0.95 -31.54 3.91
CA ARG A 72 -1.43 -32.80 4.45
C ARG A 72 -2.61 -33.29 3.62
N ASP A 73 -2.68 -34.61 3.48
CA ASP A 73 -3.67 -35.28 2.66
C ASP A 73 -3.98 -36.62 3.33
N GLU A 74 -5.25 -36.83 3.72
CA GLU A 74 -5.66 -38.11 4.31
C GLU A 74 -7.06 -38.53 3.87
N THR A 75 -7.26 -39.84 3.86
CA THR A 75 -8.53 -40.45 3.48
C THR A 75 -9.10 -41.21 4.68
N PHE A 76 -10.40 -41.01 4.92
CA PHE A 76 -11.12 -41.65 6.01
C PHE A 76 -12.33 -42.34 5.40
N GLY A 77 -12.66 -43.53 5.93
CA GLY A 77 -13.66 -44.38 5.29
C GLY A 77 -13.04 -45.06 4.09
N VAL A 78 -13.82 -45.87 3.39
CA VAL A 78 -13.31 -46.60 2.24
C VAL A 78 -14.03 -46.13 0.98
N PRO A 79 -13.29 -45.53 0.03
CA PRO A 79 -13.89 -45.04 -1.21
C PRO A 79 -14.60 -46.12 -2.04
N SER A 80 -15.72 -45.75 -2.65
CA SER A 80 -16.40 -46.59 -3.61
C SER A 80 -17.03 -45.69 -4.67
N GLY A 81 -16.79 -46.02 -5.93
CA GLY A 81 -17.37 -45.26 -7.03
C GLY A 81 -16.67 -43.92 -7.24
N SER A 82 -17.37 -43.01 -7.88
CA SER A 82 -16.79 -41.70 -8.17
C SER A 82 -17.06 -40.75 -7.01
N HIS A 83 -16.28 -39.67 -6.96
CA HIS A 83 -16.34 -38.71 -5.88
C HIS A 83 -16.80 -37.34 -6.35
N GLN A 84 -17.37 -36.57 -5.44
CA GLN A 84 -17.64 -35.17 -5.66
C GLN A 84 -16.48 -34.40 -5.04
N GLU A 85 -16.12 -33.28 -5.67
CA GLU A 85 -15.00 -32.46 -5.21
C GLU A 85 -15.46 -31.05 -4.86
N TYR A 86 -14.84 -30.45 -3.84
CA TYR A 86 -14.79 -29.01 -3.71
C TYR A 86 -13.35 -28.55 -3.50
N VAL A 87 -12.89 -27.62 -4.32
CA VAL A 87 -11.58 -26.98 -4.15
C VAL A 87 -11.78 -25.55 -3.66
N PHE A 88 -11.21 -25.23 -2.51
CA PHE A 88 -11.31 -23.88 -1.97
C PHE A 88 -10.12 -23.03 -2.47
N THR A 89 -10.40 -21.78 -2.84
CA THR A 89 -9.33 -20.85 -3.21
C THR A 89 -8.92 -20.02 -1.99
N PRO A 90 -7.74 -19.38 -2.03
CA PRO A 90 -7.30 -18.55 -0.90
C PRO A 90 -8.31 -17.48 -0.50
N GLY A 91 -8.67 -17.46 0.76
CA GLY A 91 -9.65 -16.50 1.26
C GLY A 91 -11.09 -16.94 1.14
N GLU A 92 -11.33 -18.10 0.52
CA GLU A 92 -12.68 -18.63 0.42
C GLU A 92 -13.05 -19.29 1.74
N CYS A 93 -14.00 -18.68 2.44
CA CYS A 93 -14.52 -19.19 3.69
C CYS A 93 -15.92 -19.75 3.49
N PHE A 94 -16.33 -20.60 4.44
CA PHE A 94 -17.70 -21.08 4.51
C PHE A 94 -18.60 -19.94 4.90
N THR A 95 -19.77 -19.82 4.26
CA THR A 95 -20.83 -18.94 4.78
C THR A 95 -21.89 -19.74 5.54
N SER A 96 -22.06 -20.99 5.19
CA SER A 96 -23.02 -21.83 5.88
C SER A 96 -22.65 -23.28 5.72
N LEU A 97 -23.15 -24.10 6.64
CA LEU A 97 -22.91 -25.54 6.61
C LEU A 97 -24.09 -26.24 7.26
N SER A 98 -24.56 -27.31 6.63
CA SER A 98 -25.56 -28.19 7.20
C SER A 98 -25.08 -29.62 7.04
N LEU A 99 -25.28 -30.42 8.08
CA LEU A 99 -25.04 -31.87 8.02
C LEU A 99 -26.33 -32.61 8.30
N TRP A 100 -26.46 -33.80 7.72
CA TRP A 100 -27.51 -34.76 8.06
C TRP A 100 -26.84 -36.06 8.45
N GLY A 101 -27.46 -36.77 9.39
CA GLY A 101 -27.15 -38.18 9.60
C GLY A 101 -27.81 -38.99 8.49
N ASN A 102 -27.73 -40.32 8.57
CA ASN A 102 -28.48 -41.16 7.66
C ASN A 102 -29.94 -41.40 8.10
N GLY A 103 -30.36 -40.74 9.18
CA GLY A 103 -31.71 -40.86 9.70
C GLY A 103 -31.88 -41.97 10.71
N ALA A 104 -30.90 -42.87 10.79
CA ALA A 104 -30.94 -44.05 11.67
C ALA A 104 -29.97 -43.88 12.82
N GLY A 105 -29.29 -42.75 12.88
CA GLY A 105 -28.31 -42.47 13.93
C GLY A 105 -27.05 -43.32 13.83
N THR A 106 -26.77 -43.91 12.68
CA THR A 106 -25.63 -44.82 12.54
C THR A 106 -24.51 -44.35 11.61
N ARG A 107 -24.81 -43.42 10.69
CA ARG A 107 -23.82 -42.88 9.77
C ARG A 107 -24.10 -41.42 9.48
N LEU A 108 -23.09 -40.73 8.95
CA LEU A 108 -23.29 -39.43 8.33
C LEU A 108 -24.03 -39.68 7.03
N GLY A 109 -25.01 -38.84 6.73
CA GLY A 109 -25.83 -39.00 5.52
C GLY A 109 -25.60 -37.97 4.43
N ALA A 110 -25.26 -36.74 4.81
CA ALA A 110 -25.12 -35.67 3.82
C ALA A 110 -24.35 -34.47 4.35
N ILE A 111 -23.72 -33.76 3.41
CA ILE A 111 -22.98 -32.53 3.68
C ILE A 111 -23.49 -31.48 2.72
N LYS A 112 -23.83 -30.31 3.23
CA LYS A 112 -24.20 -29.17 2.39
C LYS A 112 -23.48 -27.93 2.90
N PHE A 113 -22.79 -27.22 2.01
CA PHE A 113 -22.22 -25.94 2.42
C PHE A 113 -22.21 -24.92 1.31
N LYS A 114 -22.06 -23.66 1.71
CA LYS A 114 -21.89 -22.54 0.80
C LYS A 114 -20.68 -21.74 1.23
N THR A 115 -20.06 -21.06 0.27
CA THR A 115 -18.87 -20.26 0.53
C THR A 115 -19.07 -18.78 0.19
N ASN A 116 -18.16 -17.96 0.71
CA ASN A 116 -18.22 -16.52 0.50
C ASN A 116 -17.88 -16.06 -0.93
N LYS A 117 -17.49 -17.00 -1.79
CA LYS A 117 -17.30 -16.73 -3.21
C LYS A 117 -18.50 -17.17 -4.05
N GLY A 118 -19.59 -17.54 -3.40
CA GLY A 118 -20.82 -17.90 -4.09
C GLY A 118 -20.90 -19.37 -4.46
N GLY A 119 -19.94 -20.17 -4.01
CA GLY A 119 -19.94 -21.60 -4.34
C GLY A 119 -20.93 -22.35 -3.46
N GLU A 120 -21.40 -23.49 -3.94
CA GLU A 120 -22.21 -24.38 -3.11
C GLU A 120 -21.80 -25.82 -3.37
N PHE A 121 -22.02 -26.67 -2.38
CA PHE A 121 -21.63 -28.08 -2.45
C PHE A 121 -22.64 -28.91 -1.68
N PHE A 122 -23.14 -29.99 -2.31
CA PHE A 122 -24.15 -30.85 -1.70
C PHE A 122 -23.82 -32.28 -2.07
N ALA A 123 -23.39 -33.07 -1.08
CA ALA A 123 -23.12 -34.49 -1.31
C ALA A 123 -23.99 -35.27 -0.34
N HIS A 124 -24.71 -36.25 -0.83
CA HIS A 124 -25.68 -36.95 0.02
C HIS A 124 -25.84 -38.42 -0.35
N MET A 125 -26.20 -39.24 0.63
CA MET A 125 -26.53 -40.63 0.35
C MET A 125 -27.65 -40.71 -0.69
N THR A 126 -27.67 -41.80 -1.45
CA THR A 126 -28.47 -41.89 -2.67
C THR A 126 -29.74 -42.73 -2.56
N SER A 127 -29.87 -43.55 -1.53
CA SER A 127 -31.03 -44.45 -1.41
C SER A 127 -32.04 -44.00 -0.37
N TRP A 128 -31.57 -43.64 0.82
CA TRP A 128 -32.47 -43.17 1.87
C TRP A 128 -32.67 -41.68 1.73
N GLY A 129 -33.85 -41.20 2.11
CA GLY A 129 -34.15 -39.77 2.12
C GLY A 129 -33.55 -39.08 3.33
N LEU A 130 -33.33 -37.77 3.22
CA LEU A 130 -32.79 -36.99 4.33
C LEU A 130 -33.88 -36.68 5.34
N LYS A 131 -33.53 -36.72 6.61
CA LYS A 131 -34.44 -36.43 7.71
C LYS A 131 -34.04 -35.10 8.38
N THR A 132 -33.58 -35.15 9.63
CA THR A 132 -33.27 -33.93 10.37
C THR A 132 -32.03 -33.23 9.82
N GLU A 133 -32.21 -31.96 9.46
CA GLU A 133 -31.09 -31.12 9.05
C GLU A 133 -30.46 -30.51 10.29
N TYR A 134 -29.13 -30.50 10.35
CA TYR A 134 -28.41 -29.83 11.42
C TYR A 134 -27.59 -28.65 10.85
N PRO A 135 -28.15 -27.44 10.91
CA PRO A 135 -27.42 -26.26 10.44
C PRO A 135 -26.32 -25.85 11.41
N MET A 136 -25.12 -25.61 10.90
CA MET A 136 -23.98 -25.28 11.74
C MET A 136 -23.62 -23.80 11.74
N ASP A 137 -23.05 -23.36 12.85
CA ASP A 137 -22.41 -22.06 12.96
C ASP A 137 -20.97 -22.16 12.46
N VAL A 138 -20.66 -21.48 11.36
CA VAL A 138 -19.33 -21.59 10.78
C VAL A 138 -18.29 -20.66 11.46
N GLY A 139 -18.68 -19.98 12.53
CA GLY A 139 -17.79 -19.08 13.24
C GLY A 139 -17.28 -17.98 12.34
N SER A 140 -15.97 -17.93 12.14
CA SER A 140 -15.36 -16.98 11.22
C SER A 140 -15.52 -17.39 9.77
N GLY A 141 -15.90 -18.65 9.54
CA GLY A 141 -15.98 -19.20 8.20
C GLY A 141 -14.71 -19.92 7.76
N TYR A 142 -13.64 -19.75 8.55
CA TYR A 142 -12.33 -20.30 8.23
C TYR A 142 -12.29 -21.73 8.76
N CYS A 143 -12.26 -22.70 7.85
CA CYS A 143 -12.37 -24.11 8.19
C CYS A 143 -10.99 -24.75 8.38
N LEU A 144 -10.73 -25.21 9.60
CA LEU A 144 -9.44 -25.82 9.95
C LEU A 144 -9.34 -27.28 9.54
N GLY A 145 -10.48 -27.91 9.24
CA GLY A 145 -10.49 -29.30 8.79
C GLY A 145 -11.67 -30.10 9.30
N ILE A 146 -11.47 -31.40 9.48
CA ILE A 146 -12.55 -32.33 9.78
C ILE A 146 -12.18 -33.28 10.90
N VAL A 147 -13.18 -33.66 11.70
CA VAL A 147 -13.02 -34.55 12.84
C VAL A 147 -14.22 -35.51 12.85
N GLY A 148 -13.97 -36.76 13.23
CA GLY A 148 -15.06 -37.72 13.40
C GLY A 148 -14.58 -39.16 13.62
N ARG A 149 -15.34 -40.10 13.05
CA ARG A 149 -15.01 -41.52 13.13
C ARG A 149 -15.34 -42.17 11.81
N GLY A 150 -14.45 -43.07 11.40
CA GLY A 150 -14.65 -43.85 10.19
C GLY A 150 -14.17 -45.29 10.34
N GLY A 151 -14.63 -46.12 9.41
CA GLY A 151 -14.16 -47.50 9.29
C GLY A 151 -14.32 -47.87 7.84
N SER A 152 -15.31 -48.71 7.56
CA SER A 152 -15.76 -48.92 6.18
C SER A 152 -16.38 -47.65 5.60
N ASP A 153 -17.08 -46.91 6.46
CA ASP A 153 -17.82 -45.71 6.08
C ASP A 153 -17.42 -44.55 6.98
N ILE A 154 -18.04 -43.40 6.78
CA ILE A 154 -17.98 -42.31 7.72
C ILE A 154 -19.11 -42.49 8.74
N ASP A 155 -18.73 -42.92 9.94
CA ASP A 155 -19.69 -43.17 11.02
C ASP A 155 -20.21 -41.84 11.54
N CYS A 156 -19.30 -40.88 11.71
CA CYS A 156 -19.69 -39.52 12.05
C CYS A 156 -18.61 -38.52 11.65
N MET A 157 -19.01 -37.28 11.45
CA MET A 157 -18.06 -36.25 11.09
C MET A 157 -18.59 -34.85 11.41
N GLY A 158 -17.63 -33.95 11.65
CA GLY A 158 -17.90 -32.53 11.78
C GLY A 158 -16.81 -31.76 11.08
N PHE A 159 -17.11 -30.50 10.75
CA PHE A 159 -16.11 -29.58 10.22
C PHE A 159 -15.70 -28.66 11.35
N MET A 160 -14.39 -28.50 11.55
CA MET A 160 -13.93 -27.62 12.60
C MET A 160 -13.70 -26.22 12.04
N PHE A 161 -14.29 -25.22 12.68
CA PHE A 161 -14.10 -23.82 12.29
C PHE A 161 -13.41 -23.02 13.37
N LEU A 162 -12.59 -22.06 12.94
CA LEU A 162 -12.12 -21.04 13.85
C LEU A 162 -13.30 -20.15 14.18
N ASN A 163 -13.51 -19.89 15.46
CA ASN A 163 -14.61 -19.04 15.90
C ASN A 163 -14.39 -17.60 15.46
N ALA A 164 -15.44 -16.78 15.52
CA ALA A 164 -15.34 -15.38 15.10
C ALA A 164 -14.15 -14.69 15.78
N VAL A 165 -13.32 -14.05 14.96
CA VAL A 165 -12.05 -13.51 15.40
C VAL A 165 -12.14 -12.03 15.78
N GLN A 166 -11.57 -11.70 16.94
CA GLN A 166 -11.42 -10.32 17.41
C GLN A 166 -10.15 -9.67 16.85
N SER A 167 -9.02 -10.34 17.00
CA SER A 167 -7.74 -9.86 16.44
C SER A 167 -6.83 -11.01 16.06
N THR A 168 -6.00 -10.77 15.05
CA THR A 168 -4.92 -11.68 14.66
C THR A 168 -3.60 -10.91 14.63
N VAL A 169 -2.70 -11.25 15.55
CA VAL A 169 -1.46 -10.51 15.74
C VAL A 169 -0.26 -11.42 15.49
N LEU A 170 0.67 -10.97 14.64
CA LEU A 170 1.97 -11.59 14.51
C LEU A 170 2.87 -10.88 15.49
N THR A 171 3.42 -11.61 16.45
CA THR A 171 4.21 -11.02 17.51
C THR A 171 5.42 -11.89 17.84
N ASN A 172 6.20 -11.45 18.83
CA ASN A 172 7.44 -12.11 19.23
C ASN A 172 8.34 -12.40 18.03
N VAL A 173 8.50 -11.38 17.19
CA VAL A 173 9.17 -11.55 15.92
C VAL A 173 10.69 -11.48 16.10
N ASN A 174 11.38 -12.44 15.49
CA ASN A 174 12.84 -12.44 15.51
C ASN A 174 13.38 -12.58 14.10
N TYR A 175 14.58 -12.04 13.90
CA TYR A 175 15.30 -12.15 12.65
C TYR A 175 16.63 -12.87 12.94
N PRO A 176 16.62 -14.22 12.88
CA PRO A 176 17.76 -15.04 13.34
C PRO A 176 19.11 -14.75 12.68
N THR A 177 19.11 -14.26 11.44
CA THR A 177 20.36 -13.99 10.70
C THR A 177 20.75 -12.51 10.69
N ILE A 178 19.98 -11.67 11.38
CA ILE A 178 20.15 -10.22 11.27
C ILE A 178 21.59 -9.76 11.55
N ASN A 179 22.20 -10.34 12.58
CA ASN A 179 23.56 -9.95 12.99
C ASN A 179 24.67 -10.50 12.09
N GLN A 180 24.32 -11.40 11.16
CA GLN A 180 25.27 -11.90 10.17
C GLN A 180 25.12 -11.18 8.82
N LEU A 181 24.02 -10.47 8.65
CA LEU A 181 23.72 -9.84 7.38
C LEU A 181 24.67 -8.68 7.15
N ILE A 182 25.19 -8.61 5.93
CA ILE A 182 26.05 -7.51 5.54
C ILE A 182 25.21 -6.56 4.68
N PRO A 183 25.05 -5.31 5.12
CA PRO A 183 24.12 -4.38 4.47
C PRO A 183 24.54 -4.04 3.05
N LYS A 184 23.60 -4.19 2.11
CA LYS A 184 23.81 -3.76 0.73
C LYS A 184 23.16 -2.40 0.54
N VAL A 185 23.97 -1.34 0.68
CA VAL A 185 23.48 0.03 0.61
C VAL A 185 23.81 0.67 -0.74
N ALA A 186 22.77 1.07 -1.48
CA ALA A 186 22.94 1.82 -2.72
C ALA A 186 22.95 3.32 -2.44
N THR A 187 23.87 4.04 -3.08
CA THR A 187 23.93 5.50 -2.92
C THR A 187 22.96 6.16 -3.88
N GLU A 188 22.15 7.07 -3.35
CA GLU A 188 21.30 7.92 -4.18
C GLU A 188 21.81 9.35 -4.08
N GLU A 189 22.17 9.92 -5.23
CA GLU A 189 22.61 11.31 -5.32
C GLU A 189 21.40 12.19 -5.14
N ILE A 190 21.50 13.17 -4.24
CA ILE A 190 20.44 14.15 -4.09
C ILE A 190 20.83 15.44 -4.77
N LYS A 191 21.98 15.99 -4.40
CA LYS A 191 22.47 17.21 -5.06
C LYS A 191 23.94 17.50 -4.83
N SER A 192 24.53 18.20 -5.80
CA SER A 192 25.89 18.73 -5.68
C SER A 192 25.92 20.19 -6.13
N VAL A 193 26.66 20.99 -5.38
CA VAL A 193 26.94 22.38 -5.77
C VAL A 193 28.36 22.74 -5.38
N SER A 194 29.02 23.55 -6.21
CA SER A 194 30.34 24.08 -5.92
C SER A 194 30.21 25.54 -5.50
N PHE A 195 30.94 25.92 -4.45
CA PHE A 195 31.02 27.32 -4.03
C PHE A 195 32.45 27.83 -4.22
N GLU A 196 32.60 29.13 -4.44
CA GLU A 196 33.91 29.73 -4.64
C GLU A 196 34.09 30.99 -3.78
N ASN A 197 35.22 31.08 -3.09
CA ASN A 197 35.56 32.25 -2.29
C ASN A 197 36.92 32.83 -2.72
N LYS A 198 36.86 33.89 -3.54
CA LYS A 198 38.07 34.58 -4.00
C LYS A 198 38.51 35.70 -3.04
N THR A 199 37.64 36.06 -2.11
CA THR A 199 37.97 37.03 -1.07
C THR A 199 38.92 36.42 -0.05
N SER A 200 39.72 37.26 0.61
CA SER A 200 40.65 36.79 1.65
C SER A 200 40.00 36.58 3.02
N VAL A 201 38.72 36.93 3.15
CA VAL A 201 37.95 36.65 4.37
C VAL A 201 37.12 35.37 4.19
N LYS A 202 36.63 34.84 5.31
CA LYS A 202 35.81 33.63 5.29
C LYS A 202 34.42 33.93 4.73
N GLN A 203 33.76 32.89 4.21
CA GLN A 203 32.39 33.00 3.71
C GLN A 203 31.57 31.77 4.10
N GLU A 204 30.27 31.98 4.27
CA GLU A 204 29.34 30.89 4.60
C GLU A 204 28.21 30.81 3.57
N GLN A 205 27.83 29.58 3.24
CA GLN A 205 26.77 29.34 2.26
C GLN A 205 25.78 28.34 2.83
N LYS A 206 24.52 28.75 2.89
CA LYS A 206 23.45 27.87 3.34
C LYS A 206 23.00 26.98 2.18
N VAL A 207 22.76 25.70 2.48
CA VAL A 207 22.25 24.75 1.50
C VAL A 207 21.13 23.95 2.14
N GLU A 208 19.96 23.96 1.50
CA GLU A 208 18.80 23.21 1.96
C GLU A 208 18.58 22.00 1.06
N THR A 209 18.17 20.89 1.65
CA THR A 209 17.99 19.64 0.92
C THR A 209 16.67 18.99 1.30
N SER A 210 15.98 18.46 0.29
CA SER A 210 14.79 17.64 0.49
C SER A 210 14.87 16.42 -0.41
N LYS A 211 14.26 15.35 0.05
CA LYS A 211 14.35 14.07 -0.64
C LYS A 211 13.23 13.16 -0.13
N LYS A 212 12.45 12.62 -1.06
CA LYS A 212 11.40 11.70 -0.72
C LYS A 212 12.04 10.36 -0.42
N VAL A 213 11.70 9.79 0.73
CA VAL A 213 12.11 8.43 1.07
C VAL A 213 10.87 7.55 1.26
N ILE A 214 10.89 6.38 0.63
CA ILE A 214 9.80 5.41 0.75
C ILE A 214 10.29 4.19 1.53
N LYS A 215 9.96 4.16 2.82
CA LYS A 215 10.28 3.03 3.69
C LYS A 215 9.20 1.96 3.55
N THR A 216 9.62 0.70 3.46
CA THR A 216 8.68 -0.41 3.29
C THR A 216 9.00 -1.58 4.23
N SER A 217 7.96 -2.26 4.68
CA SER A 217 8.09 -3.48 5.48
C SER A 217 7.09 -4.52 4.98
N SER A 218 7.53 -5.77 4.94
CA SER A 218 6.71 -6.86 4.43
C SER A 218 7.07 -8.18 5.12
N TRP A 219 6.09 -8.79 5.80
CA TRP A 219 6.28 -10.10 6.43
C TRP A 219 5.46 -11.16 5.72
N SER A 220 6.12 -12.16 5.14
CA SER A 220 5.40 -13.16 4.35
C SER A 220 4.42 -13.97 5.21
N MET A 221 3.35 -14.40 4.57
CA MET A 221 2.34 -15.21 5.22
C MET A 221 1.53 -15.89 4.13
N THR A 222 1.01 -17.08 4.43
CA THR A 222 0.18 -17.79 3.46
C THR A 222 -0.99 -16.92 3.03
N LYS A 223 -1.27 -16.91 1.74
CA LYS A 223 -2.30 -16.06 1.16
C LYS A 223 -3.68 -16.35 1.75
N SER A 224 -3.97 -17.61 2.05
CA SER A 224 -5.29 -17.98 2.58
C SER A 224 -5.54 -17.38 3.96
N PHE A 225 -4.54 -17.43 4.83
CA PHE A 225 -4.65 -16.83 6.15
C PHE A 225 -4.70 -15.31 6.09
N SER A 226 -3.80 -14.71 5.31
CA SER A 226 -3.74 -13.26 5.18
C SER A 226 -4.94 -12.65 4.44
N SER A 227 -5.54 -13.41 3.51
CA SER A 227 -6.72 -12.92 2.79
C SER A 227 -7.98 -12.99 3.63
N THR A 228 -7.98 -13.84 4.65
CA THR A 228 -9.16 -14.03 5.50
C THR A 228 -9.10 -13.13 6.73
N PHE A 229 -7.92 -12.90 7.27
CA PHE A 229 -7.77 -12.12 8.50
C PHE A 229 -6.88 -10.90 8.32
N SER A 230 -7.19 -9.84 9.03
CA SER A 230 -6.39 -8.64 9.05
C SER A 230 -5.30 -8.82 10.10
N VAL A 231 -4.09 -9.09 9.66
CA VAL A 231 -3.01 -9.39 10.58
C VAL A 231 -2.25 -8.11 10.92
N GLU A 232 -2.24 -7.75 12.20
CA GLU A 232 -1.38 -6.69 12.72
C GLU A 232 -0.06 -7.31 13.15
N VAL A 233 1.03 -6.60 12.91
CA VAL A 233 2.35 -7.08 13.31
C VAL A 233 2.86 -6.25 14.48
N SER A 234 3.28 -6.93 15.54
CA SER A 234 3.94 -6.28 16.65
C SER A 234 5.40 -6.72 16.59
N ALA A 235 6.24 -5.84 16.06
CA ALA A 235 7.63 -6.21 15.77
C ALA A 235 8.49 -4.98 15.61
N GLY A 236 9.78 -5.17 15.89
CA GLY A 236 10.79 -4.22 15.46
C GLY A 236 11.14 -4.60 14.04
N ILE A 237 11.73 -3.67 13.30
CA ILE A 237 12.17 -3.92 11.94
C ILE A 237 13.67 -3.65 11.81
N PRO A 238 14.33 -4.28 10.84
CA PRO A 238 15.72 -3.95 10.62
C PRO A 238 15.87 -2.50 10.15
N GLU A 239 16.84 -1.79 10.72
CA GLU A 239 17.10 -0.41 10.37
C GLU A 239 18.56 -0.23 9.96
N ILE A 240 18.81 0.78 9.14
CA ILE A 240 20.14 1.05 8.63
C ILE A 240 20.62 2.42 9.10
N ALA A 241 21.92 2.53 9.37
CA ALA A 241 22.55 3.81 9.69
C ALA A 241 24.02 3.78 9.28
N GLU A 242 24.55 4.94 8.85
CA GLU A 242 25.97 5.06 8.55
C GLU A 242 26.71 5.59 9.77
N VAL A 243 27.76 4.88 10.17
CA VAL A 243 28.59 5.24 11.33
C VAL A 243 30.01 5.56 10.85
N SER A 244 31.00 5.43 11.73
CA SER A 244 32.40 5.71 11.36
C SER A 244 33.00 4.59 10.52
N THR A 245 32.89 3.35 10.99
CA THR A 245 33.46 2.19 10.30
C THR A 245 32.75 1.87 8.98
N GLY A 246 31.47 2.22 8.88
CA GLY A 246 30.67 1.96 7.68
C GLY A 246 29.17 1.98 7.94
N PHE A 247 28.46 0.99 7.40
CA PHE A 247 27.01 0.88 7.54
C PHE A 247 26.64 -0.18 8.58
N SER A 248 25.80 0.19 9.54
CA SER A 248 25.41 -0.68 10.64
C SER A 248 23.92 -1.07 10.57
N ILE A 249 23.64 -2.36 10.72
CA ILE A 249 22.27 -2.89 10.79
C ILE A 249 21.84 -3.09 12.25
N SER A 250 20.64 -2.64 12.60
CA SER A 250 20.13 -2.83 13.96
C SER A 250 18.69 -3.35 14.00
N PHE A 251 18.45 -4.26 14.95
CA PHE A 251 17.11 -4.73 15.31
C PHE A 251 16.39 -3.58 16.01
N GLY A 252 15.45 -2.94 15.31
CA GLY A 252 14.76 -1.75 15.83
C GLY A 252 13.79 -2.00 16.98
N VAL A 253 13.26 -0.92 17.55
CA VAL A 253 12.30 -0.99 18.65
C VAL A 253 10.93 -1.52 18.20
N GLU A 254 10.27 -2.27 19.07
CA GLU A 254 9.00 -2.92 18.73
C GLU A 254 7.84 -1.94 18.64
N SER A 255 7.08 -2.01 17.54
CA SER A 255 5.88 -1.19 17.35
C SER A 255 4.89 -1.92 16.43
N THR A 256 3.74 -1.29 16.19
CA THR A 256 2.68 -1.92 15.40
C THR A 256 2.77 -1.59 13.92
N HIS A 257 2.62 -2.61 13.10
CA HIS A 257 2.61 -2.46 11.65
C HIS A 257 1.50 -3.32 11.06
N SER A 258 1.17 -3.07 9.80
CA SER A 258 0.37 -3.99 9.02
C SER A 258 1.33 -4.98 8.37
N LEU A 259 0.79 -6.08 7.85
CA LEU A 259 1.62 -7.12 7.22
C LEU A 259 2.44 -6.59 6.06
N GLU A 260 1.81 -5.77 5.24
CA GLU A 260 2.48 -5.06 4.16
C GLU A 260 2.36 -3.60 4.52
N GLN A 261 3.49 -2.92 4.67
CA GLN A 261 3.46 -1.51 5.06
C GLN A 261 4.37 -0.64 4.20
N THR A 262 3.90 0.58 3.94
CA THR A 262 4.63 1.58 3.16
C THR A 262 4.50 2.92 3.87
N ASP A 263 5.63 3.54 4.17
CA ASP A 263 5.64 4.87 4.77
C ASP A 263 6.47 5.82 3.89
N GLU A 264 5.86 6.92 3.44
CA GLU A 264 6.54 7.96 2.66
C GLU A 264 6.81 9.19 3.52
N LYS A 265 7.95 9.84 3.28
CA LYS A 265 8.24 11.14 3.87
C LYS A 265 9.21 11.96 3.01
N ASN A 266 9.04 13.28 3.03
CA ASN A 266 10.03 14.21 2.49
C ASN A 266 11.10 14.46 3.55
N GLU A 267 12.23 13.76 3.45
CA GLU A 267 13.31 13.96 4.41
C GLU A 267 14.07 15.23 4.03
N THR A 268 14.41 16.04 5.02
CA THR A 268 15.04 17.34 4.75
C THR A 268 16.24 17.59 5.63
N LEU A 269 17.07 18.53 5.20
CA LEU A 269 18.26 18.93 5.95
C LEU A 269 18.66 20.34 5.52
N THR A 270 19.12 21.14 6.48
CA THR A 270 19.76 22.42 6.15
C THR A 270 21.20 22.39 6.64
N THR A 271 22.13 22.73 5.76
CA THR A 271 23.55 22.70 6.08
C THR A 271 24.17 24.08 5.86
N THR A 272 25.04 24.48 6.78
CA THR A 272 25.84 25.69 6.61
C THR A 272 27.25 25.25 6.25
N VAL A 273 27.71 25.64 5.08
CA VAL A 273 29.02 25.24 4.59
C VAL A 273 29.99 26.40 4.85
N GLU A 274 31.15 26.07 5.43
CA GLU A 274 32.18 27.06 5.69
C GLU A 274 33.13 27.09 4.49
N VAL A 275 33.18 28.24 3.82
CA VAL A 275 34.03 28.41 2.63
C VAL A 275 35.21 29.33 3.00
N PRO A 276 36.41 28.75 3.16
CA PRO A 276 37.55 29.57 3.58
C PRO A 276 38.18 30.35 2.42
N PRO A 277 38.99 31.39 2.75
CA PRO A 277 39.58 32.29 1.76
C PRO A 277 40.35 31.59 0.63
N LYS A 278 40.24 32.13 -0.58
CA LYS A 278 40.99 31.65 -1.74
C LYS A 278 40.86 30.14 -1.95
N LYS A 279 39.67 29.59 -1.71
CA LYS A 279 39.39 28.17 -1.90
C LYS A 279 37.96 27.96 -2.40
N LYS A 280 37.77 26.91 -3.19
CA LYS A 280 36.42 26.50 -3.59
C LYS A 280 36.05 25.19 -2.88
N VAL A 281 34.82 25.14 -2.37
CA VAL A 281 34.30 23.96 -1.68
C VAL A 281 33.20 23.33 -2.51
N ASP A 282 33.40 22.07 -2.89
CA ASP A 282 32.39 21.27 -3.56
C ASP A 282 31.61 20.46 -2.51
N VAL A 283 30.28 20.57 -2.55
CA VAL A 283 29.39 19.96 -1.58
C VAL A 283 28.58 18.86 -2.27
N HIS A 284 28.73 17.62 -1.78
CA HIS A 284 28.01 16.48 -2.34
C HIS A 284 27.04 15.93 -1.30
N ILE A 285 25.77 15.86 -1.68
CA ILE A 285 24.73 15.40 -0.76
C ILE A 285 24.10 14.14 -1.31
N THR A 286 24.09 13.09 -0.48
CA THR A 286 23.60 11.79 -0.88
C THR A 286 22.76 11.17 0.24
N ILE A 287 22.18 10.02 -0.06
CA ILE A 287 21.48 9.22 0.94
C ILE A 287 21.66 7.76 0.54
N GLY A 288 21.66 6.87 1.54
CA GLY A 288 21.79 5.44 1.29
C GLY A 288 20.45 4.72 1.38
N ARG A 289 20.18 3.86 0.40
CA ARG A 289 18.97 3.04 0.38
CA ARG A 289 18.97 3.05 0.39
C ARG A 289 19.35 1.58 0.59
N ALA A 290 18.91 1.01 1.72
CA ALA A 290 19.22 -0.39 2.04
C ALA A 290 18.03 -1.30 1.78
N SER A 291 18.26 -2.38 1.05
CA SER A 291 17.25 -3.39 0.81
C SER A 291 17.46 -4.59 1.75
N PHE A 292 16.45 -4.92 2.55
CA PHE A 292 16.51 -6.09 3.43
C PHE A 292 15.70 -7.26 2.88
N ASP A 293 16.27 -8.45 3.00
CA ASP A 293 15.62 -9.68 2.59
C ASP A 293 16.18 -10.80 3.46
N LEU A 294 15.43 -11.19 4.50
CA LEU A 294 15.93 -12.14 5.49
C LEU A 294 14.80 -12.89 6.21
N PRO A 295 15.09 -14.09 6.71
CA PRO A 295 14.05 -14.87 7.38
C PRO A 295 13.59 -14.26 8.71
N TYR A 296 12.33 -14.47 9.06
CA TYR A 296 11.87 -14.15 10.40
C TYR A 296 11.19 -15.35 11.03
N THR A 297 11.12 -15.32 12.36
CA THR A 297 10.31 -16.26 13.13
C THR A 297 9.40 -15.41 13.98
N GLY A 298 8.26 -15.96 14.35
CA GLY A 298 7.33 -15.24 15.21
C GLY A 298 6.22 -16.14 15.70
N THR A 299 5.25 -15.54 16.39
CA THR A 299 4.10 -16.27 16.89
CA THR A 299 4.09 -16.26 16.91
C THR A 299 2.82 -15.58 16.42
N VAL A 300 1.95 -16.35 15.77
CA VAL A 300 0.62 -15.86 15.41
C VAL A 300 -0.27 -16.11 16.62
N LYS A 301 -0.89 -15.05 17.13
CA LYS A 301 -1.85 -15.15 18.22
C LYS A 301 -3.21 -14.72 17.69
N ILE A 302 -4.14 -15.66 17.64
CA ILE A 302 -5.51 -15.34 17.24
C ILE A 302 -6.35 -15.26 18.48
N THR A 303 -6.97 -14.10 18.70
CA THR A 303 -7.89 -13.93 19.81
C THR A 303 -9.31 -13.89 19.25
N CYS A 304 -10.13 -14.83 19.71
CA CYS A 304 -11.52 -14.91 19.27
C CYS A 304 -12.35 -13.93 20.04
N LYS A 305 -13.49 -13.57 19.46
CA LYS A 305 -14.46 -12.73 20.13
C LYS A 305 -14.95 -13.30 21.46
N ASN A 306 -14.98 -14.63 21.57
CA ASN A 306 -15.43 -15.29 22.80
C ASN A 306 -14.36 -15.36 23.90
N GLY A 307 -13.22 -14.70 23.69
CA GLY A 307 -12.18 -14.58 24.71
C GLY A 307 -11.10 -15.64 24.62
N SER A 308 -11.33 -16.70 23.84
CA SER A 308 -10.34 -17.76 23.72
C SER A 308 -9.25 -17.36 22.73
N VAL A 309 -8.17 -18.14 22.76
CA VAL A 309 -6.97 -17.86 21.96
C VAL A 309 -6.48 -19.12 21.27
N LEU A 310 -6.11 -18.96 20.00
CA LEU A 310 -5.37 -19.99 19.29
C LEU A 310 -4.03 -19.38 18.91
N GLN A 311 -2.93 -20.05 19.25
CA GLN A 311 -1.63 -19.54 18.82
C GLN A 311 -0.69 -20.64 18.36
N TYR A 312 0.23 -20.25 17.49
CA TYR A 312 1.18 -21.19 16.93
C TYR A 312 2.40 -20.45 16.40
N GLU A 313 3.50 -21.19 16.26
CA GLU A 313 4.77 -20.63 15.80
C GLU A 313 4.80 -20.63 14.29
N THR A 314 5.41 -19.60 13.73
CA THR A 314 5.55 -19.52 12.29
C THR A 314 6.90 -18.95 11.92
N LYS A 315 7.22 -19.05 10.64
CA LYS A 315 8.40 -18.42 10.09
C LYS A 315 8.18 -18.10 8.62
N GLY A 316 8.79 -17.02 8.15
CA GLY A 316 8.64 -16.58 6.77
C GLY A 316 9.78 -15.67 6.37
N GLN A 317 9.54 -14.85 5.36
CA GLN A 317 10.56 -13.93 4.87
C GLN A 317 10.12 -12.51 5.12
N TYR A 318 11.03 -11.71 5.68
CA TYR A 318 10.83 -10.26 5.80
C TYR A 318 11.53 -9.55 4.64
N LYS A 319 10.79 -8.65 3.99
CA LYS A 319 11.35 -7.79 2.96
C LYS A 319 11.14 -6.36 3.41
N GLY A 320 12.19 -5.55 3.29
CA GLY A 320 12.16 -4.17 3.71
C GLY A 320 13.08 -3.27 2.92
N VAL A 321 12.70 -1.99 2.85
CA VAL A 321 13.53 -0.94 2.31
C VAL A 321 13.66 0.13 3.38
N ALA A 322 14.89 0.48 3.72
CA ALA A 322 15.16 1.57 4.66
C ALA A 322 16.22 2.53 4.12
N TYR A 323 16.21 3.75 4.61
CA TYR A 323 17.17 4.75 4.19
C TYR A 323 18.02 5.21 5.35
N THR A 324 19.26 5.60 5.06
CA THR A 324 20.11 6.24 6.05
C THR A 324 19.66 7.68 6.22
N ASP A 325 20.34 8.42 7.10
CA ASP A 325 20.22 9.88 7.13
C ASP A 325 20.79 10.46 5.83
N ILE A 326 20.37 11.68 5.52
CA ILE A 326 21.00 12.44 4.45
C ILE A 326 22.44 12.71 4.86
N LYS A 327 23.37 12.52 3.93
CA LYS A 327 24.79 12.66 4.20
C LYS A 327 25.37 13.80 3.36
N VAL A 328 26.09 14.69 4.03
CA VAL A 328 26.75 15.82 3.39
C VAL A 328 28.26 15.60 3.40
N ASN A 329 28.87 15.72 2.23
CA ASN A 329 30.30 15.55 2.07
C ASN A 329 30.88 16.78 1.38
N THR A 330 31.78 17.49 2.06
CA THR A 330 32.43 18.68 1.52
C THR A 330 33.89 18.41 1.22
N VAL A 331 34.36 18.89 0.08
CA VAL A 331 35.78 18.75 -0.29
C VAL A 331 36.36 20.11 -0.72
N GLU A 332 37.39 20.57 0.00
CA GLU A 332 38.01 21.86 -0.27
C GLU A 332 39.01 21.78 -1.43
N LYS A 333 38.93 22.75 -2.32
CA LYS A 333 39.86 22.89 -3.45
C LYS A 333 40.45 24.29 -3.44
N ASP A 334 41.63 24.42 -4.05
CA ASP A 334 42.39 25.66 -4.00
C ASP A 334 42.54 26.26 -5.38
N LEU A 335 41.57 27.08 -5.77
CA LEU A 335 41.62 27.83 -7.04
C LEU A 335 40.82 29.12 -6.91
N GLY B 18 17.04 45.03 6.87
CA GLY B 18 16.81 44.12 8.03
C GLY B 18 16.09 42.83 7.64
N SER B 19 14.96 42.99 6.95
CA SER B 19 14.11 41.87 6.52
C SER B 19 14.78 40.96 5.50
N HIS B 20 14.46 39.67 5.60
CA HIS B 20 14.96 38.65 4.68
C HIS B 20 13.77 38.08 3.91
N MET B 21 13.88 38.02 2.60
CA MET B 21 12.79 37.51 1.77
C MET B 21 13.19 36.18 1.15
N THR B 22 12.32 35.18 1.28
CA THR B 22 12.53 33.90 0.61
C THR B 22 11.45 33.66 -0.43
N TYR B 23 11.75 32.76 -1.36
CA TYR B 23 10.85 32.45 -2.48
C TYR B 23 10.73 30.94 -2.62
N PRO B 24 9.59 30.46 -3.17
CA PRO B 24 9.40 29.02 -3.38
C PRO B 24 10.28 28.47 -4.48
N THR B 25 10.71 29.36 -5.39
CA THR B 25 11.47 28.97 -6.55
C THR B 25 12.88 29.56 -6.53
N ASN B 26 13.79 28.88 -7.19
CA ASN B 26 15.18 29.28 -7.28
C ASN B 26 15.53 29.43 -8.76
N LEU B 27 15.95 30.63 -9.15
CA LEU B 27 16.24 30.95 -10.54
C LEU B 27 17.47 31.86 -10.64
N GLU B 28 18.46 31.42 -11.41
CA GLU B 28 19.66 32.20 -11.64
C GLU B 28 19.87 32.27 -13.15
N ILE B 29 19.68 33.46 -13.72
CA ILE B 29 19.75 33.67 -15.17
C ILE B 29 21.14 34.14 -15.59
N ILE B 30 21.68 33.50 -16.62
CA ILE B 30 23.03 33.80 -17.11
C ILE B 30 22.97 34.24 -18.57
N GLY B 31 23.73 35.29 -18.88
CA GLY B 31 23.87 35.78 -20.25
C GLY B 31 23.83 37.29 -20.34
N GLY B 32 23.42 37.81 -21.49
CA GLY B 32 23.36 39.26 -21.73
C GLY B 32 21.97 39.87 -21.54
N GLN B 33 21.83 41.10 -22.02
CA GLN B 33 20.65 41.93 -21.81
C GLN B 33 19.76 42.05 -23.04
N GLY B 34 20.22 41.54 -24.18
CA GLY B 34 19.48 41.68 -25.43
C GLY B 34 18.23 40.82 -25.49
N GLY B 35 17.56 40.85 -26.63
CA GLY B 35 16.40 40.01 -26.90
C GLY B 35 15.15 40.36 -26.12
N SER B 36 14.15 39.48 -26.21
CA SER B 36 12.84 39.68 -25.59
C SER B 36 12.62 38.65 -24.50
N SER B 37 11.99 39.08 -23.41
CA SER B 37 11.79 38.23 -22.25
C SER B 37 10.85 37.06 -22.53
N PHE B 38 11.16 35.93 -21.89
CA PHE B 38 10.30 34.76 -21.90
C PHE B 38 10.30 34.10 -20.53
N SER B 39 9.18 33.47 -20.21
CA SER B 39 9.03 32.70 -19.00
C SER B 39 8.21 31.48 -19.35
N PHE B 40 8.79 30.31 -19.13
CA PHE B 40 8.15 29.08 -19.54
C PHE B 40 8.32 28.08 -18.41
N THR B 41 7.41 28.16 -17.44
CA THR B 41 7.50 27.35 -16.22
C THR B 41 6.15 26.83 -15.76
N GLY B 42 6.21 25.89 -14.84
CA GLY B 42 5.02 25.27 -14.27
C GLY B 42 4.70 25.81 -12.89
N GLU B 43 5.11 27.03 -12.59
CA GLU B 43 4.80 27.59 -11.27
C GLU B 43 3.29 27.83 -11.10
N ASN B 44 2.55 27.95 -12.20
CA ASN B 44 1.08 28.01 -12.18
C ASN B 44 0.37 26.72 -11.81
N ASN B 45 0.97 25.58 -12.17
CA ASN B 45 0.28 24.29 -12.06
C ASN B 45 1.18 23.11 -11.66
N GLY B 46 2.39 23.38 -11.21
CA GLY B 46 3.30 22.33 -10.77
C GLY B 46 3.90 21.48 -11.88
N ALA B 47 3.75 21.92 -13.14
CA ALA B 47 4.34 21.20 -14.26
C ALA B 47 5.86 21.28 -14.17
N SER B 48 6.51 20.24 -14.69
CA SER B 48 7.96 20.16 -14.67
C SER B 48 8.48 20.09 -16.08
N LEU B 49 9.78 20.35 -16.21
CA LEU B 49 10.45 20.23 -17.49
C LEU B 49 10.58 18.75 -17.83
N GLU B 50 9.98 18.34 -18.94
CA GLU B 50 9.96 16.95 -19.36
C GLU B 50 10.96 16.66 -20.47
N LYS B 51 11.25 17.66 -21.29
CA LYS B 51 12.17 17.47 -22.40
C LYS B 51 12.71 18.80 -22.85
N ILE B 52 13.97 18.77 -23.30
CA ILE B 52 14.64 19.97 -23.75
C ILE B 52 15.51 19.62 -24.96
N TRP B 53 15.41 20.46 -25.98
CA TRP B 53 16.28 20.42 -27.15
C TRP B 53 17.13 21.69 -27.14
N VAL B 54 18.42 21.55 -27.43
CA VAL B 54 19.34 22.68 -27.45
C VAL B 54 20.07 22.72 -28.77
N TRP B 55 20.01 23.87 -29.43
CA TRP B 55 20.79 24.15 -30.63
C TRP B 55 21.92 25.11 -30.22
N VAL B 56 23.14 24.76 -30.58
CA VAL B 56 24.30 25.57 -30.24
C VAL B 56 24.82 26.27 -31.49
N GLY B 57 25.52 27.38 -31.31
CA GLY B 57 26.26 28.02 -32.40
C GLY B 57 27.73 28.19 -32.02
N GLY B 58 28.46 28.97 -32.81
CA GLY B 58 29.89 29.19 -32.57
C GLY B 58 30.19 29.97 -31.30
N TRP B 59 29.34 30.95 -30.99
CA TRP B 59 29.58 31.88 -29.89
C TRP B 59 28.34 32.11 -29.04
N GLN B 60 27.42 31.15 -29.09
CA GLN B 60 26.21 31.23 -28.30
C GLN B 60 25.46 29.91 -28.26
N ILE B 61 24.48 29.85 -27.38
CA ILE B 61 23.39 28.91 -27.53
C ILE B 61 22.41 29.58 -28.50
N LYS B 62 22.11 28.91 -29.62
CA LYS B 62 21.24 29.48 -30.66
C LYS B 62 19.77 29.45 -30.28
N ALA B 63 19.31 28.32 -29.73
CA ALA B 63 17.90 28.18 -29.41
C ALA B 63 17.68 27.03 -28.44
N VAL B 64 16.53 27.09 -27.76
CA VAL B 64 16.09 26.05 -26.85
C VAL B 64 14.60 25.78 -27.10
N ARG B 65 14.23 24.51 -27.26
CA ARG B 65 12.82 24.12 -27.27
C ARG B 65 12.59 23.27 -26.03
N ALA B 66 11.53 23.59 -25.27
CA ALA B 66 11.23 22.91 -24.02
C ALA B 66 9.80 22.40 -23.99
N TRP B 67 9.63 21.23 -23.38
CA TRP B 67 8.32 20.63 -23.13
C TRP B 67 8.13 20.54 -21.63
N LEU B 68 7.00 21.03 -21.14
CA LEU B 68 6.61 20.83 -19.77
C LEU B 68 5.68 19.62 -19.65
N SER B 69 5.54 19.08 -18.44
CA SER B 69 4.78 17.85 -18.22
C SER B 69 3.26 18.00 -18.44
N ASP B 70 2.76 19.23 -18.45
CA ASP B 70 1.36 19.51 -18.79
C ASP B 70 1.09 19.61 -20.32
N GLY B 71 2.09 19.30 -21.14
CA GLY B 71 1.93 19.30 -22.59
C GLY B 71 2.35 20.57 -23.31
N ARG B 72 2.68 21.63 -22.58
CA ARG B 72 3.14 22.87 -23.22
C ARG B 72 4.47 22.63 -23.93
N ASP B 73 4.68 23.38 -25.00
CA ASP B 73 5.82 23.21 -25.89
C ASP B 73 6.13 24.56 -26.52
N GLU B 74 7.30 25.14 -26.22
CA GLU B 74 7.71 26.40 -26.85
C GLU B 74 9.20 26.42 -27.22
N THR B 75 9.49 27.14 -28.29
CA THR B 75 10.83 27.32 -28.80
C THR B 75 11.23 28.78 -28.59
N PHE B 76 12.46 29.00 -28.11
CA PHE B 76 13.02 30.34 -27.92
C PHE B 76 14.35 30.39 -28.66
N GLY B 77 14.65 31.55 -29.24
CA GLY B 77 15.77 31.67 -30.17
C GLY B 77 15.39 31.04 -31.50
N VAL B 78 16.30 31.07 -32.48
CA VAL B 78 16.02 30.52 -33.80
C VAL B 78 16.91 29.31 -34.05
N PRO B 79 16.30 28.12 -34.19
CA PRO B 79 17.08 26.91 -34.42
C PRO B 79 17.98 26.97 -35.64
N SER B 80 19.15 26.36 -35.52
CA SER B 80 20.05 26.16 -36.62
C SER B 80 20.83 24.87 -36.39
N GLY B 81 20.87 24.01 -37.40
CA GLY B 81 21.61 22.76 -37.30
C GLY B 81 20.85 21.71 -36.52
N SER B 82 21.55 20.67 -36.09
CA SER B 82 20.92 19.63 -35.28
C SER B 82 20.92 20.07 -33.82
N HIS B 83 20.09 19.40 -33.02
CA HIS B 83 19.95 19.68 -31.61
C HIS B 83 20.43 18.52 -30.74
N GLN B 84 20.77 18.85 -29.50
CA GLN B 84 20.95 17.86 -28.45
C GLN B 84 19.67 17.80 -27.64
N GLU B 85 19.37 16.63 -27.10
CA GLU B 85 18.14 16.38 -26.35
C GLU B 85 18.44 15.83 -24.96
N TYR B 86 17.65 16.24 -23.98
CA TYR B 86 17.49 15.45 -22.76
C TYR B 86 16.02 15.22 -22.50
N VAL B 87 15.66 13.95 -22.31
CA VAL B 87 14.32 13.53 -21.92
C VAL B 87 14.33 13.08 -20.45
N PHE B 88 13.55 13.76 -19.61
CA PHE B 88 13.46 13.43 -18.20
C PHE B 88 12.30 12.46 -18.00
N THR B 89 12.51 11.42 -17.20
CA THR B 89 11.43 10.49 -16.85
C THR B 89 10.81 10.94 -15.53
N PRO B 90 9.58 10.48 -15.23
CA PRO B 90 8.93 10.85 -13.97
C PRO B 90 9.80 10.55 -12.74
N GLY B 91 9.93 11.52 -11.85
CA GLY B 91 10.78 11.37 -10.65
C GLY B 91 12.23 11.74 -10.85
N GLU B 92 12.66 11.93 -12.11
CA GLU B 92 14.05 12.32 -12.39
C GLU B 92 14.23 13.80 -12.07
N CYS B 93 15.10 14.10 -11.12
CA CYS B 93 15.39 15.46 -10.72
C CYS B 93 16.80 15.81 -11.09
N PHE B 94 17.09 17.11 -11.15
CA PHE B 94 18.44 17.61 -11.30
C PHE B 94 19.18 17.33 -10.01
N THR B 95 20.44 16.92 -10.11
CA THR B 95 21.33 16.90 -8.94
C THR B 95 22.31 18.07 -8.96
N SER B 96 22.64 18.54 -10.15
CA SER B 96 23.54 19.68 -10.29
C SER B 96 23.28 20.36 -11.62
N LEU B 97 23.68 21.62 -11.70
CA LEU B 97 23.52 22.42 -12.90
C LEU B 97 24.64 23.45 -12.93
N SER B 98 25.28 23.60 -14.07
CA SER B 98 26.15 24.73 -14.33
C SER B 98 25.77 25.41 -15.63
N LEU B 99 25.82 26.75 -15.62
CA LEU B 99 25.66 27.54 -16.82
C LEU B 99 26.93 28.34 -17.07
N TRP B 100 27.18 28.63 -18.33
CA TRP B 100 28.25 29.54 -18.76
C TRP B 100 27.62 30.59 -19.67
N GLY B 101 28.16 31.79 -19.63
CA GLY B 101 27.90 32.78 -20.67
C GLY B 101 28.80 32.48 -21.86
N ASN B 102 28.85 33.39 -22.83
CA ASN B 102 29.75 33.21 -23.95
C ASN B 102 31.12 33.85 -23.74
N GLY B 103 31.37 34.36 -22.53
CA GLY B 103 32.63 35.05 -22.24
C GLY B 103 32.53 36.55 -22.43
N ALA B 104 31.75 36.99 -23.41
CA ALA B 104 31.54 38.42 -23.72
C ALA B 104 30.38 39.03 -22.97
N GLY B 105 29.65 38.21 -22.20
CA GLY B 105 28.49 38.71 -21.45
C GLY B 105 27.29 39.06 -22.31
N THR B 106 27.24 38.53 -23.54
CA THR B 106 26.16 38.88 -24.46
C THR B 106 25.21 37.73 -24.81
N ARG B 107 25.62 36.49 -24.54
CA ARG B 107 24.76 35.31 -24.83
C ARG B 107 24.99 34.22 -23.78
N LEU B 108 24.04 33.30 -23.68
CA LEU B 108 24.28 32.06 -22.97
C LEU B 108 25.26 31.26 -23.80
N GLY B 109 26.26 30.67 -23.16
CA GLY B 109 27.29 29.90 -23.87
C GLY B 109 27.22 28.39 -23.69
N ALA B 110 26.80 27.92 -22.53
CA ALA B 110 26.75 26.48 -22.27
C ALA B 110 25.84 26.11 -21.10
N ILE B 111 25.33 24.87 -21.17
CA ILE B 111 24.48 24.28 -20.14
C ILE B 111 25.06 22.90 -19.78
N LYS B 112 25.25 22.65 -18.50
N LYS B 112 25.25 22.65 -18.50
CA LYS B 112 25.64 21.32 -18.02
CA LYS B 112 25.62 21.30 -18.05
C LYS B 112 24.80 20.91 -16.82
C LYS B 112 24.81 20.91 -16.83
N PHE B 113 24.25 19.71 -16.85
CA PHE B 113 23.51 19.22 -15.70
C PHE B 113 23.62 17.71 -15.52
N LYS B 114 23.31 17.28 -14.30
CA LYS B 114 23.29 15.86 -13.95
C LYS B 114 21.99 15.57 -13.21
N THR B 115 21.50 14.34 -13.32
CA THR B 115 20.23 13.96 -12.73
C THR B 115 20.40 12.85 -11.72
N ASN B 116 19.38 12.68 -10.87
CA ASN B 116 19.41 11.67 -9.81
C ASN B 116 19.23 10.23 -10.35
N LYS B 117 19.09 10.08 -11.66
CA LYS B 117 19.11 8.76 -12.28
C LYS B 117 20.45 8.49 -12.97
N GLY B 118 21.46 9.32 -12.70
CA GLY B 118 22.81 9.13 -13.25
C GLY B 118 23.02 9.74 -14.63
N GLY B 119 22.06 10.53 -15.09
CA GLY B 119 22.18 11.12 -16.42
C GLY B 119 23.06 12.36 -16.39
N GLU B 120 23.62 12.71 -17.53
CA GLU B 120 24.35 13.96 -17.67
C GLU B 120 24.10 14.55 -19.06
N PHE B 121 24.21 15.87 -19.13
CA PHE B 121 23.95 16.62 -20.35
C PHE B 121 24.90 17.79 -20.41
N PHE B 122 25.55 17.98 -21.57
CA PHE B 122 26.46 19.09 -21.76
C PHE B 122 26.30 19.62 -23.18
N ALA B 123 25.85 20.85 -23.30
CA ALA B 123 25.65 21.50 -24.57
C ALA B 123 26.39 22.82 -24.52
N HIS B 124 27.24 23.09 -25.50
CA HIS B 124 28.05 24.29 -25.46
C HIS B 124 28.30 24.86 -26.84
N MET B 125 28.58 26.16 -26.87
CA MET B 125 28.97 26.82 -28.12
C MET B 125 30.25 26.16 -28.64
N THR B 126 30.44 26.15 -29.96
CA THR B 126 31.47 25.31 -30.59
C THR B 126 32.81 26.01 -30.91
N SER B 127 32.81 27.34 -31.02
CA SER B 127 33.99 28.05 -31.51
C SER B 127 34.73 28.79 -30.39
N TRP B 128 33.99 29.62 -29.67
CA TRP B 128 34.56 30.34 -28.53
C TRP B 128 34.73 29.40 -27.35
N GLY B 129 35.77 29.64 -26.55
CA GLY B 129 36.06 28.83 -25.38
C GLY B 129 35.24 29.25 -24.18
N LEU B 130 34.92 28.29 -23.31
CA LEU B 130 34.14 28.58 -22.11
C LEU B 130 35.02 29.25 -21.05
N LYS B 131 34.48 30.25 -20.38
CA LYS B 131 35.18 30.96 -19.33
C LYS B 131 34.58 30.67 -17.94
N THR B 132 33.98 31.67 -17.28
CA THR B 132 33.54 31.47 -15.90
C THR B 132 32.36 30.49 -15.80
N GLU B 133 32.50 29.50 -14.94
CA GLU B 133 31.42 28.53 -14.67
C GLU B 133 30.57 29.04 -13.54
N TYR B 134 29.25 29.03 -13.73
CA TYR B 134 28.33 29.37 -12.66
C TYR B 134 27.58 28.13 -12.17
N PRO B 135 28.04 27.53 -11.06
CA PRO B 135 27.33 26.38 -10.50
C PRO B 135 26.08 26.79 -9.72
N MET B 136 24.96 26.14 -10.00
CA MET B 136 23.67 26.55 -9.44
C MET B 136 23.19 25.64 -8.34
N ASP B 137 22.36 26.17 -7.45
CA ASP B 137 21.67 25.36 -6.45
C ASP B 137 20.34 24.92 -7.03
N VAL B 138 20.18 23.62 -7.23
CA VAL B 138 18.95 23.08 -7.86
C VAL B 138 17.77 22.96 -6.89
N GLY B 139 17.96 23.43 -5.66
CA GLY B 139 16.93 23.38 -4.63
C GLY B 139 16.47 21.96 -4.34
N SER B 140 15.21 21.67 -4.64
CA SER B 140 14.65 20.32 -4.53
C SER B 140 15.09 19.43 -5.67
N GLY B 141 15.58 20.04 -6.75
CA GLY B 141 15.96 19.30 -7.95
C GLY B 141 14.83 19.24 -8.97
N TYR B 142 13.63 19.63 -8.54
CA TYR B 142 12.44 19.59 -9.38
C TYR B 142 12.42 20.87 -10.21
N CYS B 143 12.63 20.72 -11.52
CA CYS B 143 12.76 21.85 -12.42
C CYS B 143 11.42 22.25 -13.02
N LEU B 144 10.98 23.47 -12.74
CA LEU B 144 9.68 23.93 -13.19
C LEU B 144 9.71 24.48 -14.62
N GLY B 145 10.92 24.75 -15.12
CA GLY B 145 11.06 25.23 -16.49
C GLY B 145 12.21 26.22 -16.65
N ILE B 146 12.08 27.10 -17.62
CA ILE B 146 13.17 27.99 -18.00
C ILE B 146 12.65 29.42 -18.16
N VAL B 147 13.53 30.39 -17.87
CA VAL B 147 13.21 31.81 -17.94
C VAL B 147 14.42 32.52 -18.56
N GLY B 148 14.16 33.51 -19.40
CA GLY B 148 15.26 34.30 -19.94
C GLY B 148 14.86 35.28 -21.02
N ARG B 149 15.78 35.51 -21.94
CA ARG B 149 15.56 36.40 -23.06
C ARG B 149 16.10 35.75 -24.32
N GLY B 150 15.35 35.88 -25.40
CA GLY B 150 15.78 35.40 -26.69
C GLY B 150 15.35 36.29 -27.84
N GLY B 151 16.06 36.18 -28.95
CA GLY B 151 15.70 36.84 -30.21
C GLY B 151 16.12 35.89 -31.31
N SER B 152 17.22 36.21 -31.99
CA SER B 152 17.84 35.26 -32.91
C SER B 152 18.49 34.12 -32.13
N ASP B 153 19.00 34.44 -30.95
CA ASP B 153 19.73 33.52 -30.10
C ASP B 153 19.10 33.47 -28.70
N ILE B 154 19.72 32.71 -27.81
CA ILE B 154 19.44 32.80 -26.38
C ILE B 154 20.38 33.84 -25.77
N ASP B 155 19.85 35.03 -25.55
CA ASP B 155 20.61 36.11 -24.93
C ASP B 155 20.96 35.78 -23.49
N CYS B 156 19.99 35.27 -22.76
CA CYS B 156 20.23 34.79 -21.41
C CYS B 156 19.20 33.74 -21.05
N MET B 157 19.55 32.88 -20.10
CA MET B 157 18.61 31.88 -19.60
C MET B 157 18.95 31.40 -18.21
N GLY B 158 17.92 30.96 -17.51
CA GLY B 158 18.06 30.28 -16.24
C GLY B 158 17.08 29.13 -16.18
N PHE B 159 17.37 28.14 -15.33
CA PHE B 159 16.44 27.05 -15.06
C PHE B 159 15.79 27.35 -13.74
N MET B 160 14.46 27.29 -13.68
CA MET B 160 13.77 27.56 -12.43
C MET B 160 13.55 26.27 -11.66
N PHE B 161 13.96 26.24 -10.40
CA PHE B 161 13.71 25.08 -9.53
C PHE B 161 12.78 25.43 -8.40
N LEU B 162 12.01 24.44 -7.97
CA LEU B 162 11.35 24.50 -6.69
C LEU B 162 12.41 24.32 -5.60
N ASN B 163 12.33 25.14 -4.56
CA ASN B 163 13.30 25.06 -3.47
C ASN B 163 13.00 23.86 -2.59
N ALA B 164 13.94 23.53 -1.71
CA ALA B 164 13.82 22.34 -0.89
C ALA B 164 12.50 22.36 -0.13
N VAL B 165 11.77 21.25 -0.22
CA VAL B 165 10.39 21.16 0.24
C VAL B 165 10.26 20.53 1.63
N GLN B 166 9.52 21.22 2.50
CA GLN B 166 9.17 20.75 3.85
C GLN B 166 7.98 19.79 3.78
N SER B 167 6.87 20.27 3.20
CA SER B 167 5.65 19.47 3.05
C SER B 167 4.93 19.79 1.75
N THR B 168 4.26 18.78 1.19
CA THR B 168 3.35 18.94 0.06
C THR B 168 2.03 18.29 0.39
N VAL B 169 0.96 19.11 0.39
CA VAL B 169 -0.33 18.68 0.87
C VAL B 169 -1.40 18.94 -0.19
N LEU B 170 -2.18 17.92 -0.53
CA LEU B 170 -3.38 18.10 -1.29
C LEU B 170 -4.50 18.42 -0.30
N THR B 171 -5.12 19.58 -0.45
CA THR B 171 -6.11 20.04 0.51
C THR B 171 -7.32 20.65 -0.18
N ASN B 172 -8.30 21.08 0.62
CA ASN B 172 -9.53 21.67 0.13
C ASN B 172 -10.15 20.80 -0.97
N VAL B 173 -10.24 19.50 -0.69
CA VAL B 173 -10.69 18.54 -1.67
C VAL B 173 -12.22 18.56 -1.73
N ASN B 174 -12.76 18.67 -2.93
CA ASN B 174 -14.19 18.53 -3.15
C ASN B 174 -14.48 17.45 -4.18
N TYR B 175 -15.63 16.80 -4.01
CA TYR B 175 -16.12 15.82 -4.96
C TYR B 175 -17.40 16.39 -5.54
N PRO B 176 -17.30 17.13 -6.65
CA PRO B 176 -18.46 17.91 -7.10
C PRO B 176 -19.64 17.10 -7.64
N THR B 177 -19.46 15.81 -7.91
CA THR B 177 -20.56 14.96 -8.38
C THR B 177 -21.12 14.02 -7.31
N ILE B 178 -20.59 14.12 -6.08
CA ILE B 178 -20.89 13.12 -5.05
C ILE B 178 -22.37 13.07 -4.66
N ASN B 179 -23.05 14.21 -4.65
CA ASN B 179 -24.47 14.27 -4.30
C ASN B 179 -25.41 13.76 -5.39
N GLN B 180 -24.93 13.62 -6.62
CA GLN B 180 -25.73 13.10 -7.72
C GLN B 180 -25.57 11.60 -7.89
N LEU B 181 -24.57 11.04 -7.20
CA LEU B 181 -24.15 9.67 -7.45
C LEU B 181 -25.17 8.67 -6.89
N ILE B 182 -25.50 7.65 -7.69
CA ILE B 182 -26.39 6.58 -7.25
C ILE B 182 -25.51 5.51 -6.63
N PRO B 183 -25.81 5.12 -5.37
CA PRO B 183 -25.08 4.02 -4.74
C PRO B 183 -25.13 2.72 -5.54
N LYS B 184 -23.96 2.13 -5.78
CA LYS B 184 -23.83 0.80 -6.38
C LYS B 184 -23.08 -0.09 -5.39
N VAL B 185 -23.83 -0.74 -4.51
CA VAL B 185 -23.26 -1.56 -3.45
C VAL B 185 -23.38 -3.03 -3.78
N ALA B 186 -22.26 -3.75 -3.80
CA ALA B 186 -22.25 -5.18 -3.97
C ALA B 186 -22.36 -5.86 -2.59
N THR B 187 -23.20 -6.87 -2.50
CA THR B 187 -23.35 -7.61 -1.25
C THR B 187 -22.25 -8.65 -1.14
N GLU B 188 -21.60 -8.69 0.02
CA GLU B 188 -20.72 -9.80 0.36
C GLU B 188 -21.39 -10.62 1.47
N GLU B 189 -21.56 -11.90 1.21
CA GLU B 189 -22.14 -12.84 2.16
C GLU B 189 -21.09 -13.14 3.20
N ILE B 190 -21.46 -13.06 4.47
CA ILE B 190 -20.52 -13.43 5.53
C ILE B 190 -20.91 -14.78 6.14
N LYS B 191 -22.18 -14.92 6.48
CA LYS B 191 -22.59 -16.01 7.34
C LYS B 191 -24.10 -16.19 7.28
N SER B 192 -24.55 -17.43 7.10
CA SER B 192 -25.95 -17.80 7.26
C SER B 192 -26.11 -19.01 8.17
N VAL B 193 -27.14 -18.98 8.99
CA VAL B 193 -27.48 -20.09 9.87
C VAL B 193 -28.98 -20.08 10.12
N SER B 194 -29.51 -21.26 10.46
CA SER B 194 -30.93 -21.41 10.76
C SER B 194 -31.09 -22.03 12.15
N PHE B 195 -32.12 -21.60 12.88
CA PHE B 195 -32.46 -22.15 14.19
C PHE B 195 -33.90 -22.61 14.18
N GLU B 196 -34.18 -23.71 14.86
CA GLU B 196 -35.54 -24.23 14.98
C GLU B 196 -36.00 -24.27 16.44
N ASN B 197 -37.15 -23.65 16.69
CA ASN B 197 -37.78 -23.68 18.00
C ASN B 197 -39.16 -24.32 17.91
N LYS B 198 -39.24 -25.60 18.28
CA LYS B 198 -40.50 -26.34 18.22
C LYS B 198 -41.27 -26.30 19.56
N THR B 199 -40.84 -25.45 20.48
CA THR B 199 -41.52 -25.30 21.77
C THR B 199 -42.50 -24.13 21.73
N SER B 200 -43.27 -23.97 22.81
CA SER B 200 -44.27 -22.90 22.91
C SER B 200 -43.71 -21.63 23.58
N VAL B 201 -42.40 -21.59 23.81
CA VAL B 201 -41.75 -20.42 24.38
C VAL B 201 -40.60 -19.99 23.47
N LYS B 202 -40.39 -18.69 23.36
CA LYS B 202 -39.29 -18.15 22.55
C LYS B 202 -37.92 -18.46 23.17
N GLN B 203 -36.91 -18.55 22.30
CA GLN B 203 -35.53 -18.85 22.68
C GLN B 203 -34.56 -17.78 22.14
N GLU B 204 -33.36 -17.74 22.71
CA GLU B 204 -32.32 -16.79 22.28
C GLU B 204 -31.07 -17.53 21.83
N GLN B 205 -30.46 -17.06 20.75
CA GLN B 205 -29.23 -17.66 20.21
C GLN B 205 -28.18 -16.59 19.96
N LYS B 206 -26.97 -16.86 20.42
CA LYS B 206 -25.83 -15.96 20.28
C LYS B 206 -25.14 -16.23 18.94
N VAL B 207 -24.93 -15.18 18.14
CA VAL B 207 -24.22 -15.32 16.88
C VAL B 207 -23.12 -14.24 16.79
N GLU B 208 -21.88 -14.70 16.61
CA GLU B 208 -20.73 -13.80 16.50
C GLU B 208 -20.21 -13.84 15.08
N THR B 209 -19.92 -12.66 14.55
CA THR B 209 -19.45 -12.51 13.17
C THR B 209 -18.13 -11.75 13.13
N SER B 210 -17.22 -12.23 12.29
CA SER B 210 -15.99 -11.52 11.98
C SER B 210 -15.82 -11.48 10.46
N LYS B 211 -15.23 -10.42 9.96
CA LYS B 211 -15.10 -10.22 8.52
C LYS B 211 -14.02 -9.19 8.20
N LYS B 212 -13.02 -9.59 7.43
CA LYS B 212 -11.99 -8.67 6.98
C LYS B 212 -12.55 -7.74 5.92
N VAL B 213 -12.37 -6.44 6.11
CA VAL B 213 -12.66 -5.48 5.05
C VAL B 213 -11.40 -4.71 4.71
N ILE B 214 -11.21 -4.42 3.42
CA ILE B 214 -10.07 -3.65 2.95
C ILE B 214 -10.61 -2.36 2.35
N LYS B 215 -10.40 -1.25 3.05
CA LYS B 215 -10.85 0.06 2.60
C LYS B 215 -9.71 0.78 1.89
N THR B 216 -9.99 1.30 0.68
CA THR B 216 -8.97 1.98 -0.12
C THR B 216 -9.37 3.42 -0.47
N SER B 217 -8.35 4.25 -0.66
CA SER B 217 -8.50 5.60 -1.18
C SER B 217 -7.32 5.92 -2.08
N SER B 218 -7.59 6.55 -3.22
CA SER B 218 -6.51 7.13 -4.02
C SER B 218 -6.96 8.38 -4.77
N TRP B 219 -6.11 9.40 -4.75
CA TRP B 219 -6.33 10.61 -5.54
C TRP B 219 -5.30 10.64 -6.65
N SER B 220 -5.75 10.72 -7.91
CA SER B 220 -4.83 10.76 -9.03
C SER B 220 -3.98 12.04 -8.97
N MET B 221 -2.75 11.90 -9.46
CA MET B 221 -1.77 12.97 -9.47
C MET B 221 -0.76 12.66 -10.58
N THR B 222 -0.25 13.69 -11.25
CA THR B 222 0.78 13.48 -12.27
C THR B 222 1.95 12.71 -11.64
N LYS B 223 2.39 11.65 -12.32
CA LYS B 223 3.44 10.77 -11.76
C LYS B 223 4.71 11.55 -11.43
N SER B 224 5.05 12.53 -12.26
CA SER B 224 6.25 13.34 -12.06
C SER B 224 6.26 13.98 -10.67
N PHE B 225 5.16 14.63 -10.32
CA PHE B 225 5.03 15.27 -9.03
C PHE B 225 4.98 14.28 -7.86
N SER B 226 4.18 13.22 -8.00
CA SER B 226 4.03 12.23 -6.95
C SER B 226 5.27 11.33 -6.76
N SER B 227 6.05 11.11 -7.82
CA SER B 227 7.32 10.37 -7.67
C SER B 227 8.37 11.19 -6.93
N THR B 228 8.33 12.50 -7.06
CA THR B 228 9.35 13.36 -6.48
C THR B 228 9.02 13.76 -5.04
N PHE B 229 7.75 14.06 -4.77
CA PHE B 229 7.32 14.52 -3.44
C PHE B 229 6.38 13.54 -2.74
N SER B 230 6.50 13.47 -1.43
CA SER B 230 5.60 12.68 -0.59
C SER B 230 4.39 13.52 -0.35
N VAL B 231 3.28 13.18 -1.02
CA VAL B 231 2.08 14.00 -0.95
C VAL B 231 1.17 13.49 0.16
N GLU B 232 0.82 14.39 1.06
CA GLU B 232 -0.14 14.11 2.11
C GLU B 232 -1.48 14.65 1.65
N VAL B 233 -2.57 13.98 2.04
CA VAL B 233 -3.91 14.42 1.65
C VAL B 233 -4.71 14.80 2.89
N SER B 234 -5.25 16.02 2.89
CA SER B 234 -6.14 16.50 3.94
C SER B 234 -7.53 16.60 3.33
N ALA B 235 -8.31 15.52 3.45
CA ALA B 235 -9.62 15.44 2.79
C ALA B 235 -10.57 14.50 3.51
N GLY B 236 -11.86 14.73 3.27
CA GLY B 236 -12.89 13.76 3.58
C GLY B 236 -12.93 12.79 2.42
N ILE B 237 -13.42 11.59 2.67
CA ILE B 237 -13.60 10.61 1.59
C ILE B 237 -15.09 10.26 1.50
N PRO B 238 -15.52 9.78 0.34
CA PRO B 238 -16.89 9.29 0.30
C PRO B 238 -17.02 8.03 1.15
N GLU B 239 -18.16 7.90 1.83
CA GLU B 239 -18.43 6.70 2.61
C GLU B 239 -19.83 6.20 2.30
N ILE B 240 -20.07 4.95 2.64
CA ILE B 240 -21.33 4.29 2.32
C ILE B 240 -21.96 3.70 3.59
N ALA B 241 -23.28 3.87 3.71
CA ALA B 241 -24.05 3.28 4.80
C ALA B 241 -25.40 2.78 4.26
N GLU B 242 -26.04 1.89 5.01
CA GLU B 242 -27.41 1.49 4.69
C GLU B 242 -28.38 2.15 5.66
N VAL B 243 -29.40 2.80 5.12
CA VAL B 243 -30.43 3.49 5.90
C VAL B 243 -31.80 2.84 5.63
N SER B 244 -32.87 3.48 6.08
CA SER B 244 -34.23 2.95 5.90
C SER B 244 -34.62 2.83 4.43
N THR B 245 -34.38 3.89 3.65
CA THR B 245 -34.69 3.91 2.22
C THR B 245 -33.86 2.86 1.48
N GLY B 246 -32.55 3.00 1.59
CA GLY B 246 -31.61 2.10 0.93
C GLY B 246 -30.19 2.44 1.33
N PHE B 247 -29.32 2.65 0.35
CA PHE B 247 -27.94 3.03 0.60
C PHE B 247 -27.76 4.53 0.52
N SER B 248 -26.82 5.04 1.31
CA SER B 248 -26.58 6.48 1.43
C SER B 248 -25.10 6.80 1.27
N ILE B 249 -24.78 7.65 0.29
CA ILE B 249 -23.43 8.16 0.12
C ILE B 249 -23.27 9.44 0.94
N SER B 250 -22.21 9.52 1.72
CA SER B 250 -21.90 10.72 2.49
C SER B 250 -20.44 11.16 2.29
N PHE B 251 -20.25 12.47 2.40
CA PHE B 251 -18.93 13.11 2.38
C PHE B 251 -18.38 13.06 3.80
N GLY B 252 -17.46 12.15 4.07
CA GLY B 252 -16.92 11.96 5.42
C GLY B 252 -16.10 13.12 5.96
N VAL B 253 -15.84 13.10 7.27
CA VAL B 253 -15.11 14.19 7.93
C VAL B 253 -13.66 14.25 7.45
N GLU B 254 -13.14 15.47 7.35
CA GLU B 254 -11.78 15.72 6.88
C GLU B 254 -10.74 15.09 7.81
N SER B 255 -9.76 14.40 7.23
CA SER B 255 -8.64 13.86 8.00
C SER B 255 -7.43 13.65 7.10
N THR B 256 -6.33 13.16 7.67
CA THR B 256 -5.09 12.96 6.92
C THR B 256 -5.05 11.60 6.26
N HIS B 257 -4.66 11.59 4.99
CA HIS B 257 -4.45 10.36 4.26
C HIS B 257 -3.15 10.45 3.47
N SER B 258 -2.66 9.31 3.01
CA SER B 258 -1.60 9.29 2.01
C SER B 258 -2.27 9.25 0.64
N LEU B 259 -1.51 9.54 -0.40
CA LEU B 259 -2.05 9.72 -1.74
C LEU B 259 -2.68 8.43 -2.27
N GLU B 260 -2.04 7.31 -1.96
CA GLU B 260 -2.63 5.99 -2.13
C GLU B 260 -2.72 5.41 -0.73
N GLN B 261 -3.92 5.07 -0.29
CA GLN B 261 -4.07 4.49 1.03
C GLN B 261 -4.87 3.20 1.01
N THR B 262 -4.48 2.26 1.88
CA THR B 262 -5.20 1.02 2.07
C THR B 262 -5.17 0.66 3.55
N ASP B 263 -6.36 0.42 4.13
CA ASP B 263 -6.47 0.07 5.54
C ASP B 263 -7.32 -1.19 5.70
N GLU B 264 -6.80 -2.14 6.49
CA GLU B 264 -7.46 -3.40 6.77
C GLU B 264 -8.03 -3.38 8.19
N LYS B 265 -9.20 -3.97 8.36
CA LYS B 265 -9.77 -4.15 9.70
C LYS B 265 -10.61 -5.42 9.77
N ASN B 266 -10.57 -6.09 10.92
CA ASN B 266 -11.52 -7.17 11.20
C ASN B 266 -12.80 -6.55 11.77
N GLU B 267 -13.81 -6.37 10.91
CA GLU B 267 -15.13 -5.94 11.39
C GLU B 267 -15.75 -7.08 12.17
N THR B 268 -16.32 -6.77 13.33
CA THR B 268 -16.97 -7.77 14.16
C THR B 268 -18.34 -7.32 14.65
N LEU B 269 -19.16 -8.29 15.03
CA LEU B 269 -20.50 -8.04 15.54
C LEU B 269 -20.99 -9.25 16.33
N THR B 270 -21.60 -9.00 17.48
CA THR B 270 -22.28 -10.03 18.27
C THR B 270 -23.78 -9.73 18.26
N THR B 271 -24.55 -10.72 17.86
CA THR B 271 -26.00 -10.59 17.72
C THR B 271 -26.72 -11.62 18.57
N THR B 272 -27.78 -11.18 19.25
CA THR B 272 -28.69 -12.09 19.93
C THR B 272 -29.90 -12.27 19.03
N VAL B 273 -30.16 -13.50 18.62
CA VAL B 273 -31.29 -13.77 17.74
C VAL B 273 -32.45 -14.32 18.57
N GLU B 274 -33.62 -13.73 18.41
CA GLU B 274 -34.83 -14.21 19.08
C GLU B 274 -35.54 -15.22 18.19
N VAL B 275 -35.72 -16.44 18.70
CA VAL B 275 -36.40 -17.50 17.96
C VAL B 275 -37.80 -17.72 18.54
N PRO B 276 -38.84 -17.05 17.98
CA PRO B 276 -40.20 -17.19 18.53
C PRO B 276 -40.72 -18.63 18.53
N PRO B 277 -41.71 -18.91 19.39
CA PRO B 277 -42.20 -20.29 19.58
C PRO B 277 -42.77 -20.90 18.30
N LYS B 278 -42.49 -22.18 18.06
CA LYS B 278 -43.00 -22.90 16.90
C LYS B 278 -42.55 -22.27 15.58
N LYS B 279 -41.34 -21.72 15.58
CA LYS B 279 -40.82 -21.04 14.40
C LYS B 279 -39.42 -21.50 14.02
N LYS B 280 -39.12 -21.37 12.74
CA LYS B 280 -37.77 -21.48 12.21
C LYS B 280 -37.31 -20.05 11.87
N VAL B 281 -36.10 -19.69 12.28
CA VAL B 281 -35.55 -18.37 12.01
C VAL B 281 -34.28 -18.48 11.18
N ASP B 282 -34.34 -17.99 9.94
CA ASP B 282 -33.16 -17.90 9.09
C ASP B 282 -32.43 -16.58 9.34
N VAL B 283 -31.15 -16.67 9.67
CA VAL B 283 -30.30 -15.51 9.96
C VAL B 283 -29.32 -15.35 8.80
N HIS B 284 -29.30 -14.15 8.22
CA HIS B 284 -28.46 -13.85 7.06
C HIS B 284 -27.60 -12.64 7.37
N ILE B 285 -26.29 -12.86 7.42
CA ILE B 285 -25.34 -11.82 7.79
C ILE B 285 -24.49 -11.47 6.56
N THR B 286 -24.55 -10.19 6.19
CA THR B 286 -23.92 -9.70 4.98
C THR B 286 -23.26 -8.34 5.23
N ILE B 287 -22.51 -7.87 4.23
CA ILE B 287 -21.92 -6.54 4.27
C ILE B 287 -21.90 -5.97 2.86
N GLY B 288 -22.06 -4.65 2.75
CA GLY B 288 -22.04 -3.97 1.45
C GLY B 288 -20.67 -3.39 1.14
N ARG B 289 -20.24 -3.52 -0.10
CA ARG B 289 -18.97 -2.98 -0.58
C ARG B 289 -19.27 -2.04 -1.75
N ALA B 290 -18.85 -0.79 -1.65
CA ALA B 290 -19.05 0.19 -2.72
C ALA B 290 -17.73 0.58 -3.36
N SER B 291 -17.70 0.67 -4.69
CA SER B 291 -16.51 1.09 -5.42
C SER B 291 -16.71 2.48 -6.01
N PHE B 292 -16.16 3.48 -5.34
CA PHE B 292 -16.25 4.87 -5.79
C PHE B 292 -15.24 5.15 -6.90
N ASP B 293 -15.68 5.91 -7.89
CA ASP B 293 -14.84 6.28 -9.04
C ASP B 293 -15.37 7.61 -9.58
N LEU B 294 -14.87 8.72 -9.04
CA LEU B 294 -15.46 10.03 -9.30
C LEU B 294 -14.43 11.17 -9.26
N PRO B 295 -14.72 12.28 -9.95
CA PRO B 295 -13.73 13.36 -10.00
C PRO B 295 -13.56 14.09 -8.66
N TYR B 296 -12.38 14.66 -8.48
CA TYR B 296 -12.17 15.55 -7.35
C TYR B 296 -11.47 16.82 -7.82
N THR B 297 -11.68 17.88 -7.06
CA THR B 297 -10.91 19.11 -7.22
C THR B 297 -10.20 19.35 -5.89
N GLY B 298 -9.13 20.12 -5.91
CA GLY B 298 -8.43 20.49 -4.69
C GLY B 298 -7.32 21.49 -4.89
N THR B 299 -6.58 21.74 -3.82
CA THR B 299 -5.47 22.70 -3.82
C THR B 299 -4.19 21.99 -3.40
N VAL B 300 -3.18 22.02 -4.26
CA VAL B 300 -1.86 21.55 -3.87
C VAL B 300 -1.15 22.70 -3.18
N LYS B 301 -0.78 22.50 -1.92
CA LYS B 301 -0.03 23.46 -1.15
C LYS B 301 1.37 22.90 -0.86
N ILE B 302 2.38 23.51 -1.47
CA ILE B 302 3.76 23.15 -1.22
C ILE B 302 4.38 24.15 -0.25
N THR B 303 4.90 23.65 0.86
CA THR B 303 5.60 24.48 1.83
C THR B 303 7.09 24.16 1.73
N CYS B 304 7.87 25.18 1.41
CA CYS B 304 9.31 25.05 1.30
C CYS B 304 9.98 25.10 2.66
N LYS B 305 11.16 24.51 2.73
CA LYS B 305 12.01 24.58 3.91
C LYS B 305 12.27 26.03 4.34
N ASN B 306 12.48 26.92 3.36
CA ASN B 306 12.71 28.34 3.66
C ASN B 306 11.44 29.10 4.07
N GLY B 307 10.33 28.38 4.22
CA GLY B 307 9.09 28.95 4.75
C GLY B 307 8.15 29.51 3.69
N SER B 308 8.61 29.61 2.45
CA SER B 308 7.76 30.15 1.38
C SER B 308 6.80 29.06 0.92
N VAL B 309 5.82 29.44 0.10
CA VAL B 309 4.80 28.52 -0.34
C VAL B 309 4.50 28.66 -1.83
N LEU B 310 4.20 27.53 -2.45
CA LEU B 310 3.68 27.49 -3.81
C LEU B 310 2.34 26.79 -3.76
N GLN B 311 1.34 27.38 -4.38
CA GLN B 311 -0.03 26.88 -4.29
C GLN B 311 -0.75 26.97 -5.65
N TYR B 312 -1.43 25.89 -6.03
CA TYR B 312 -2.21 25.88 -7.28
C TYR B 312 -3.40 24.93 -7.19
N GLU B 313 -4.43 25.23 -7.97
CA GLU B 313 -5.62 24.40 -8.00
C GLU B 313 -5.34 23.18 -8.86
N THR B 314 -5.90 22.04 -8.47
CA THR B 314 -5.76 20.83 -9.26
C THR B 314 -7.07 20.06 -9.37
N LYS B 315 -7.06 19.08 -10.26
CA LYS B 315 -8.23 18.29 -10.60
C LYS B 315 -7.74 16.87 -10.84
N GLY B 316 -8.55 15.88 -10.45
CA GLY B 316 -8.18 14.49 -10.69
C GLY B 316 -9.32 13.53 -10.48
N GLN B 317 -8.97 12.26 -10.31
CA GLN B 317 -9.95 11.20 -10.12
C GLN B 317 -9.70 10.56 -8.77
N TYR B 318 -10.76 10.43 -7.98
CA TYR B 318 -10.70 9.66 -6.75
C TYR B 318 -11.23 8.26 -7.00
N LYS B 319 -10.47 7.27 -6.53
CA LYS B 319 -10.91 5.89 -6.51
C LYS B 319 -10.87 5.43 -5.07
N GLY B 320 -11.85 4.61 -4.69
CA GLY B 320 -11.91 4.13 -3.32
C GLY B 320 -12.89 3.00 -3.13
N VAL B 321 -12.56 2.10 -2.20
CA VAL B 321 -13.44 1.01 -1.81
C VAL B 321 -13.88 1.30 -0.38
N ALA B 322 -15.20 1.35 -0.17
CA ALA B 322 -15.76 1.52 1.16
C ALA B 322 -16.77 0.42 1.45
N TYR B 323 -17.04 0.20 2.73
CA TYR B 323 -17.99 -0.82 3.17
C TYR B 323 -19.03 -0.24 4.11
N THR B 324 -20.22 -0.83 4.10
CA THR B 324 -21.26 -0.54 5.07
C THR B 324 -20.92 -1.22 6.38
N ASP B 325 -21.78 -1.05 7.38
CA ASP B 325 -21.73 -1.89 8.57
C ASP B 325 -22.17 -3.30 8.21
N ILE B 326 -21.77 -4.26 9.04
CA ILE B 326 -22.28 -5.62 8.95
C ILE B 326 -23.78 -5.57 9.18
N LYS B 327 -24.54 -6.25 8.31
CA LYS B 327 -25.99 -6.28 8.41
C LYS B 327 -26.50 -7.68 8.72
N VAL B 328 -27.34 -7.78 9.74
CA VAL B 328 -28.03 -9.01 10.10
C VAL B 328 -29.49 -8.90 9.70
N ASN B 329 -29.91 -9.79 8.81
CA ASN B 329 -31.32 -9.91 8.47
C ASN B 329 -31.84 -11.27 8.96
N THR B 330 -32.93 -11.25 9.71
CA THR B 330 -33.60 -12.46 10.17
C THR B 330 -34.94 -12.60 9.48
N VAL B 331 -35.29 -13.82 9.09
CA VAL B 331 -36.61 -14.08 8.50
C VAL B 331 -37.24 -15.34 9.12
N GLU B 332 -38.41 -15.18 9.71
CA GLU B 332 -39.05 -16.25 10.46
C GLU B 332 -40.04 -17.05 9.60
N LYS B 333 -40.04 -18.37 9.78
CA LYS B 333 -40.94 -19.27 9.07
C LYS B 333 -41.65 -20.15 10.10
N ASP B 334 -42.75 -20.78 9.70
CA ASP B 334 -43.42 -21.77 10.55
C ASP B 334 -42.69 -23.11 10.45
N LEU B 335 -43.06 -24.04 11.35
CA LEU B 335 -42.43 -25.35 11.46
C LEU B 335 -41.03 -25.25 12.07
C1 MAN C . -19.03 -53.70 7.18
C2 MAN C . -18.74 -52.74 8.37
C3 MAN C . -17.54 -53.07 9.03
C4 MAN C . -17.41 -54.43 9.37
C5 MAN C . -17.71 -55.38 8.19
C6 MAN C . -17.74 -56.79 8.65
O1 MAN C . -18.19 -53.41 6.13
O2 MAN C . -19.86 -52.77 9.27
O3 MAN C . -17.42 -52.28 10.31
O4 MAN C . -16.09 -54.69 9.87
O5 MAN C . -18.93 -55.05 7.54
O6 MAN C . -18.85 -57.60 8.31
C1 MAN C . -16.50 -51.25 10.27
C2 MAN C . -16.19 -50.86 11.69
C3 MAN C . -17.35 -50.27 12.32
C4 MAN C . -17.88 -49.18 11.58
C5 MAN C . -18.18 -49.57 10.18
C6 MAN C . -18.63 -48.40 9.34
O2 MAN C . -15.07 -49.97 11.69
O3 MAN C . -17.00 -49.87 13.70
O4 MAN C . -19.07 -48.68 12.21
O5 MAN C . -17.01 -50.16 9.53
O6 MAN C . -17.76 -47.32 9.17
C1 MAN D . 21.10 39.12 -36.00
C2 MAN D . 20.55 39.36 -34.56
C3 MAN D . 19.29 40.02 -34.51
C4 MAN D . 19.15 41.08 -35.44
C5 MAN D . 19.56 40.66 -36.87
C6 MAN D . 19.40 41.78 -37.82
O1 MAN D . 20.54 37.97 -36.52
O2 MAN D . 21.54 40.10 -33.85
O3 MAN D . 19.07 40.59 -33.13
O4 MAN D . 17.80 41.57 -35.44
O5 MAN D . 20.88 40.19 -36.89
O6 MAN D . 19.79 43.08 -37.41
C1 MAN D . 18.08 39.95 -32.38
C2 MAN D . 17.56 40.92 -31.34
C3 MAN D . 18.53 41.18 -30.28
C4 MAN D . 19.04 39.97 -29.72
C5 MAN D . 19.62 39.08 -30.76
C6 MAN D . 20.11 37.78 -30.18
O2 MAN D . 16.35 40.42 -30.78
O3 MAN D . 17.87 41.99 -29.24
O4 MAN D . 20.04 40.26 -28.73
O5 MAN D . 18.62 38.80 -31.80
O6 MAN D . 19.15 36.90 -29.67
CL CL E . -29.27 -39.76 11.98
C1 PEG F . -19.24 -25.77 20.67
O1 PEG F . -19.57 -24.47 20.16
C2 PEG F . -18.76 -26.64 19.53
O2 PEG F . -17.33 -26.62 19.46
C3 PEG F . -16.70 -27.63 20.27
C4 PEG F . -15.28 -27.20 20.65
O4 PEG F . -14.31 -27.63 19.67
C1 PEG G . -0.70 -20.67 7.46
O1 PEG G . -1.39 -20.32 8.66
C2 PEG G . 0.36 -21.73 7.72
O2 PEG G . -0.11 -23.07 7.44
C3 PEG G . 0.03 -23.48 6.09
C4 PEG G . 1.48 -23.85 5.76
O4 PEG G . 1.89 -23.33 4.48
C1 PGE H . -32.45 -34.39 -1.67
O1 PGE H . -32.75 -34.74 -3.02
C2 PGE H . -31.42 -35.35 -1.10
O2 PGE H . -31.64 -36.68 -1.60
C3 PGE H . -31.42 -37.70 -0.62
C4 PGE H . -31.58 -39.06 -1.30
O4 PGE H . -35.49 -40.26 -1.53
C6 PGE H . -34.69 -40.61 -2.67
C5 PGE H . -33.20 -40.42 -2.39
O3 PGE H . -32.97 -39.35 -1.48
C1 PGE I . -10.68 -13.37 -0.45
O1 PGE I . -10.14 -13.01 -1.72
C2 PGE I . -11.65 -12.30 0.03
O2 PGE I . -12.98 -12.81 0.01
C3 PGE I . -13.97 -11.81 0.17
C4 PGE I . -15.36 -12.42 -0.06
O4 PGE I . -16.57 -12.17 -4.63
C6 PGE I . -16.71 -11.47 -3.38
C5 PGE I . -15.67 -11.96 -2.38
O3 PGE I . -16.10 -11.69 -1.04
O1 PG4 J . -7.67 -27.17 -8.25
C1 PG4 J . -6.38 -27.73 -7.98
C2 PG4 J . -6.35 -28.43 -6.63
O2 PG4 J . -5.88 -27.56 -5.60
C3 PG4 J . -5.84 -28.15 -4.29
C4 PG4 J . -4.46 -28.73 -3.98
O3 PG4 J . -4.36 -30.05 -4.51
C5 PG4 J . -3.33 -30.82 -3.87
C6 PG4 J . -2.92 -31.98 -4.76
O4 PG4 J . -4.07 -32.75 -5.12
C7 PG4 J . -3.72 -33.89 -5.90
C8 PG4 J . -4.97 -34.75 -6.13
O5 PG4 J . -5.38 -34.73 -7.50
O1 PG4 K . -28.82 -24.01 -3.42
C1 PG4 K . -28.74 -25.37 -2.96
C2 PG4 K . -29.46 -26.35 -3.88
O2 PG4 K . -29.20 -27.70 -3.47
C3 PG4 K . -30.20 -28.29 -2.63
C4 PG4 K . -29.85 -27.99 -1.17
O3 PG4 K . -30.41 -28.98 -0.31
C5 PG4 K . -31.26 -28.46 0.72
C6 PG4 K . -30.44 -27.98 1.91
O4 PG4 K . -31.01 -26.78 2.44
C7 PG4 K . -30.22 -26.16 3.46
C8 PG4 K . -29.12 -25.34 2.82
O5 PG4 K . -28.76 -24.19 3.58
C1 EDO L . -14.75 -38.32 17.63
O1 EDO L . -15.98 -38.07 18.33
C2 EDO L . -13.71 -37.29 18.03
O2 EDO L . -12.38 -37.72 17.70
CL CL M . 29.74 35.76 -20.16
N1 EPE N . 30.31 39.35 -32.70
C2 EPE N . 31.35 38.36 -32.49
C3 EPE N . 30.69 37.12 -33.08
N4 EPE N . 30.52 37.41 -34.49
C5 EPE N . 29.81 38.62 -34.95
C6 EPE N . 30.16 39.82 -34.07
C7 EPE N . 31.06 36.46 -35.47
C8 EPE N . 30.00 35.38 -35.58
O8 EPE N . 29.76 35.02 -36.93
C9 EPE N . 29.43 39.82 -31.63
C10 EPE N . 30.24 40.11 -30.37
S EPE N . 29.29 40.11 -29.01
O1S EPE N . 27.90 40.51 -29.33
O2S EPE N . 29.28 38.75 -28.41
O3S EPE N . 29.88 41.06 -28.04
C1 EDO O . -32.64 -8.01 3.76
O1 EDO O . -32.61 -6.76 4.43
C2 EDO O . -32.36 -7.82 2.28
O2 EDO O . -31.10 -7.18 2.10
C1 EDO P . 14.14 37.82 -18.10
O1 EDO P . 15.22 38.66 -17.65
C2 EDO P . 13.07 37.74 -17.02
O2 EDO P . 11.82 37.35 -17.60
C1 PEG Q . 13.46 34.04 -6.99
O1 PEG Q . 12.60 34.11 -8.13
C2 PEG Q . 14.73 33.29 -7.36
O2 PEG Q . 15.78 33.61 -6.44
C3 PEG Q . 16.96 32.82 -6.61
C4 PEG Q . 17.98 33.17 -5.54
O4 PEG Q . 18.05 32.18 -4.50
C1 PEG R . 37.26 34.75 -29.02
O1 PEG R . 37.94 34.93 -30.28
C2 PEG R . 37.78 33.45 -28.43
O2 PEG R . 37.24 33.23 -27.13
C3 PEG R . 38.07 32.45 -26.27
C4 PEG R . 38.82 31.30 -26.99
O4 PEG R . 39.27 30.34 -26.04
C1 PEG S . -38.04 -17.36 28.07
O1 PEG S . -39.12 -16.46 28.35
C2 PEG S . -36.94 -16.65 27.28
O2 PEG S . -35.69 -17.30 27.51
C3 PEG S . -34.57 -16.66 26.88
C4 PEG S . -33.38 -16.65 27.84
O4 PEG S . -32.19 -17.21 27.26
C1 PGE T . 7.44 15.14 -29.70
O1 PGE T . 8.50 15.93 -30.26
C2 PGE T . 6.87 15.83 -28.46
O2 PGE T . 6.77 14.91 -27.38
C3 PGE T . 6.72 15.54 -26.10
C4 PGE T . 6.88 14.51 -24.99
O4 PGE T . 9.32 12.10 -25.44
C6 PGE T . 8.79 12.07 -24.11
C5 PGE T . 8.49 13.46 -23.57
O3 PGE T . 8.25 14.41 -24.62
C1 PGE U . 34.50 22.06 -23.86
O1 PGE U . 34.83 22.12 -22.47
C2 PGE U . 33.83 23.37 -24.25
O2 PGE U . 34.16 23.68 -25.61
C3 PGE U . 33.91 25.03 -25.98
C4 PGE U . 34.44 25.25 -27.39
O4 PGE U . 37.87 23.68 -29.63
C6 PGE U . 37.79 24.63 -28.56
C5 PGE U . 36.51 25.44 -28.59
O3 PGE U . 35.86 25.34 -27.31
O1 PG4 V . 29.89 19.98 -13.63
C1 PG4 V . 30.78 21.09 -13.85
C2 PG4 V . 32.02 20.66 -14.65
O2 PG4 V . 31.80 20.83 -16.06
C3 PG4 V . 32.88 20.38 -16.88
C4 PG4 V . 32.35 19.93 -18.23
O3 PG4 V . 32.22 18.50 -18.27
C5 PG4 V . 31.62 18.04 -19.47
C6 PG4 V . 31.74 16.52 -19.58
O4 PG4 V . 30.91 15.88 -18.61
C7 PG4 V . 31.66 15.30 -17.55
C8 PG4 V . 30.73 14.57 -16.58
O5 PG4 V . 30.82 15.16 -15.28
OH2 1PE W . 16.66 4.55 -9.65
C12 1PE W . 16.28 3.31 -10.26
C22 1PE W . 15.83 3.56 -11.71
OH3 1PE W . 14.58 4.25 -11.70
C13 1PE W . 12.58 4.93 -12.90
C23 1PE W . 14.03 4.43 -13.01
OH4 1PE W . 12.44 5.91 -11.87
C14 1PE W . 11.13 6.85 -10.07
C24 1PE W . 11.50 5.58 -10.84
OH5 1PE W . 12.14 7.17 -9.12
C15 1PE W . 13.35 8.87 -7.85
C25 1PE W . 12.28 8.57 -8.90
OH6 1PE W . 14.50 8.03 -8.01
C16 1PE W . 16.71 7.55 -7.14
C26 1PE W . 15.70 8.63 -7.51
OH7 1PE W . 17.08 6.79 -8.28
#